data_7YOQ
#
_entry.id   7YOQ
#
_cell.length_a   83.830
_cell.length_b   175.630
_cell.length_c   66.440
_cell.angle_alpha   90.000
_cell.angle_beta   90.000
_cell.angle_gamma   90.000
#
_symmetry.space_group_name_H-M   'P 21 21 2'
#
loop_
_entity.id
_entity.type
_entity.pdbx_description
1 polymer 'nuclease RecJ2'
2 non-polymer '[5-(4-azanyl-2-oxidanylidene-pyrimidin-1-yl)-3,4-bis(oxidanyl)furan-2-yl]methyl dihydrogen phosphate'
3 water water
#
_entity_poly.entity_id   1
_entity_poly.type   'polypeptide(L)'
_entity_poly.pdbx_seq_one_letter_code
;MMEKLKEIEKVTKAIKEKILNHYGYIRVITHHDTDGLSSGGILAKMLMRTNKLFHLTVVEHLSKEVIEKLAKENEVNKPL
FIFADMGSGQIEEIIKHNFNAIILDHHPPVIKDSFINENIIQLNPHIFGVDGSREITASGVCYLVAREFGYYDLSVLAIV
GIIGDMQYNPLLGLNKFIVNEAREYRYVKIMNDIVYNIYDVEIYKAIAYCTKPYIPDLASEGKAFKFLKDIGIDPNKKQL
DDTDKKKLLSAIIFKYPKIENLLIDRYLIEHKVRDAFLLSEMLNAVGRNGLFAVGIGICLEDDECIKIGNQILWEYKKNL
INELKSVKLKKLNNIYYFEGKKGMIGIIASILVDDKPVIGYHIEGDIAKFSARGNRDLVNRGLNLSVAMAVAKEFGGNGG
GHDVASGAVVSKDKVQEFLKRVDEIIGEQLRR
;
_entity_poly.pdbx_strand_id   A,B
#
loop_
_chem_comp.id
_chem_comp.type
_chem_comp.name
_chem_comp.formula
IY0 non-polymer '[5-(4-azanyl-2-oxidanylidene-pyrimidin-1-yl)-3,4-bis(oxidanyl)furan-2-yl]methyl dihydrogen phosphate' 'C9 H10 N3 O8 P'
#
# COMPACT_ATOMS: atom_id res chain seq x y z
N MET A 1 -16.28 -2.97 32.44
CA MET A 1 -15.19 -2.88 31.45
C MET A 1 -15.57 -2.00 30.24
N MET A 2 -16.85 -2.01 29.86
CA MET A 2 -17.37 -1.11 28.84
C MET A 2 -17.16 0.35 29.21
N GLU A 3 -16.83 0.60 30.48
CA GLU A 3 -16.62 1.95 30.99
C GLU A 3 -15.25 2.48 30.61
N LYS A 4 -14.24 1.59 30.60
CA LYS A 4 -12.89 2.00 30.21
C LYS A 4 -12.85 2.49 28.76
N LEU A 5 -13.63 1.85 27.90
CA LEU A 5 -13.72 2.30 26.51
C LEU A 5 -14.22 3.72 26.44
N LYS A 6 -15.29 4.03 27.17
CA LYS A 6 -15.86 5.37 27.17
C LYS A 6 -14.81 6.42 27.55
N GLU A 7 -13.82 6.04 28.36
CA GLU A 7 -12.75 6.97 28.67
C GLU A 7 -11.67 6.99 27.60
N ILE A 8 -11.43 5.84 26.95
CA ILE A 8 -10.45 5.78 25.88
C ILE A 8 -10.96 6.50 24.65
N GLU A 9 -12.26 6.37 24.37
CA GLU A 9 -12.83 6.97 23.17
C GLU A 9 -12.56 8.46 23.09
N LYS A 10 -12.48 9.16 24.22
CA LYS A 10 -12.19 10.58 24.16
C LYS A 10 -10.80 10.86 23.57
N VAL A 11 -9.84 9.96 23.80
CA VAL A 11 -8.53 10.17 23.21
C VAL A 11 -8.50 9.68 21.77
N THR A 12 -9.26 8.63 21.45
CA THR A 12 -9.25 8.12 20.09
C THR A 12 -9.97 9.08 19.15
N LYS A 13 -11.07 9.69 19.60
CA LYS A 13 -11.75 10.68 18.77
C LYS A 13 -10.87 11.89 18.49
N ALA A 14 -10.05 12.29 19.47
CA ALA A 14 -9.14 13.41 19.26
C ALA A 14 -7.97 13.04 18.36
N ILE A 15 -7.51 11.80 18.41
CA ILE A 15 -6.51 11.35 17.43
C ILE A 15 -7.11 11.39 16.03
N LYS A 16 -8.39 10.97 15.93
CA LYS A 16 -9.07 10.99 14.66
C LYS A 16 -9.03 12.37 14.02
N GLU A 17 -9.48 13.39 14.75
CA GLU A 17 -9.54 14.72 14.16
C GLU A 17 -8.15 15.27 13.88
N LYS A 18 -7.19 14.93 14.74
CA LYS A 18 -5.82 15.42 14.51
C LYS A 18 -5.22 14.83 13.25
N ILE A 19 -5.58 13.59 12.91
CA ILE A 19 -5.14 13.02 11.65
C ILE A 19 -5.92 13.63 10.49
N LEU A 20 -7.26 13.70 10.62
CA LEU A 20 -8.07 14.25 9.54
C LEU A 20 -7.63 15.67 9.16
N ASN A 21 -7.27 16.49 10.14
CA ASN A 21 -7.00 17.91 9.91
C ASN A 21 -5.57 18.20 9.51
N HIS A 22 -4.75 17.17 9.28
CA HIS A 22 -3.36 17.36 8.88
C HIS A 22 -3.18 17.07 7.39
N TYR A 23 -2.58 18.02 6.65
CA TYR A 23 -2.43 17.85 5.20
C TYR A 23 -0.99 17.92 4.72
N GLY A 24 -0.02 18.09 5.60
CA GLY A 24 1.39 17.94 5.25
C GLY A 24 1.82 16.49 5.36
N TYR A 25 3.14 16.30 5.47
CA TYR A 25 3.72 14.96 5.53
C TYR A 25 3.32 14.24 6.82
N ILE A 26 3.37 12.90 6.76
CA ILE A 26 3.02 12.04 7.89
C ILE A 26 4.05 10.93 8.00
N ARG A 27 4.77 10.88 9.12
CA ARG A 27 5.75 9.83 9.38
C ARG A 27 5.17 8.82 10.37
N VAL A 28 5.23 7.54 10.02
CA VAL A 28 4.87 6.44 10.92
C VAL A 28 6.14 5.69 11.27
N ILE A 29 6.36 5.49 12.58
CA ILE A 29 7.49 4.78 13.13
C ILE A 29 6.94 3.62 13.94
N THR A 30 7.28 2.39 13.56
CA THR A 30 6.92 1.22 14.36
C THR A 30 8.13 0.37 14.63
N HIS A 31 7.91 -0.62 15.49
CA HIS A 31 8.87 -1.63 15.88
C HIS A 31 8.83 -2.77 14.88
N HIS A 32 9.88 -3.60 14.91
CA HIS A 32 10.06 -4.68 13.96
C HIS A 32 9.52 -6.02 14.46
N ASP A 33 8.90 -6.06 15.64
CA ASP A 33 8.34 -7.32 16.08
C ASP A 33 6.93 -7.54 15.47
N THR A 34 6.36 -8.70 15.76
CA THR A 34 5.04 -9.04 15.22
C THR A 34 4.02 -7.94 15.51
N ASP A 35 3.95 -7.48 16.77
CA ASP A 35 3.01 -6.45 17.19
C ASP A 35 3.25 -5.14 16.44
N GLY A 36 4.52 -4.77 16.24
CA GLY A 36 4.83 -3.52 15.56
C GLY A 36 4.57 -3.55 14.07
N LEU A 37 4.90 -4.67 13.43
CA LEU A 37 4.58 -4.81 12.01
C LEU A 37 3.07 -4.82 11.80
N SER A 38 2.32 -5.50 12.67
CA SER A 38 0.85 -5.49 12.61
C SER A 38 0.30 -4.10 12.83
N SER A 39 0.88 -3.35 13.78
CA SER A 39 0.51 -1.96 13.94
C SER A 39 0.78 -1.17 12.67
N GLY A 40 1.93 -1.40 12.04
CA GLY A 40 2.21 -0.73 10.79
C GLY A 40 1.16 -1.01 9.74
N GLY A 41 0.77 -2.28 9.60
CA GLY A 41 -0.27 -2.64 8.65
C GLY A 41 -1.60 -1.98 8.96
N ILE A 42 -1.93 -1.86 10.24
CA ILE A 42 -3.21 -1.24 10.58
C ILE A 42 -3.19 0.24 10.23
N LEU A 43 -2.13 0.94 10.65
CA LEU A 43 -2.05 2.37 10.39
C LEU A 43 -1.94 2.66 8.90
N ALA A 44 -1.24 1.80 8.15
CA ALA A 44 -1.11 2.00 6.71
C ALA A 44 -2.46 1.92 6.01
N LYS A 45 -3.28 0.93 6.38
CA LYS A 45 -4.60 0.84 5.78
C LYS A 45 -5.49 1.99 6.22
N MET A 46 -5.43 2.33 7.50
CA MET A 46 -6.27 3.41 8.02
C MET A 46 -5.94 4.73 7.33
N LEU A 47 -4.66 5.02 7.17
CA LEU A 47 -4.27 6.30 6.61
C LEU A 47 -4.65 6.38 5.14
N MET A 48 -4.45 5.28 4.39
CA MET A 48 -4.82 5.26 2.98
C MET A 48 -6.30 5.51 2.80
N ARG A 49 -7.12 4.84 3.63
CA ARG A 49 -8.56 5.00 3.53
C ARG A 49 -9.02 6.42 3.84
N THR A 50 -8.24 7.19 4.60
CA THR A 50 -8.60 8.57 4.88
C THR A 50 -7.87 9.54 3.98
N ASN A 51 -7.29 9.05 2.89
CA ASN A 51 -6.64 9.89 1.90
C ASN A 51 -5.39 10.56 2.44
N LYS A 52 -4.60 9.83 3.24
CA LYS A 52 -3.33 10.33 3.77
C LYS A 52 -2.17 9.58 3.14
N LEU A 53 -1.28 10.30 2.48
CA LEU A 53 0.01 9.78 2.11
C LEU A 53 0.93 9.80 3.33
N PHE A 54 1.81 8.81 3.42
CA PHE A 54 2.63 8.72 4.60
C PHE A 54 3.96 8.03 4.27
N HIS A 55 4.92 8.26 5.14
CA HIS A 55 6.23 7.62 5.04
C HIS A 55 6.40 6.75 6.29
N LEU A 56 6.44 5.43 6.10
CA LEU A 56 6.58 4.51 7.21
C LEU A 56 8.04 4.06 7.34
N THR A 57 8.56 4.09 8.58
CA THR A 57 9.87 3.56 8.92
C THR A 57 9.74 2.58 10.07
N VAL A 58 10.51 1.49 10.00
CA VAL A 58 10.56 0.47 11.02
C VAL A 58 11.94 0.52 11.66
N VAL A 59 11.97 0.75 12.97
CA VAL A 59 13.24 0.80 13.69
C VAL A 59 13.28 -0.32 14.71
N GLU A 60 14.49 -0.82 14.98
CA GLU A 60 14.66 -1.84 16.00
C GLU A 60 14.52 -1.26 17.40
N HIS A 61 15.05 -0.05 17.62
CA HIS A 61 14.94 0.62 18.89
C HIS A 61 14.82 2.13 18.67
N LEU A 62 13.97 2.78 19.47
CA LEU A 62 13.80 4.22 19.41
C LEU A 62 14.87 4.89 20.28
N SER A 63 16.10 4.78 19.81
CA SER A 63 17.23 5.28 20.58
C SER A 63 17.29 6.80 20.51
N LYS A 64 18.03 7.40 21.46
CA LYS A 64 18.27 8.84 21.41
C LYS A 64 18.84 9.24 20.06
N GLU A 65 19.83 8.48 19.58
CA GLU A 65 20.41 8.76 18.27
C GLU A 65 19.35 8.76 17.17
N VAL A 66 18.43 7.80 17.21
CA VAL A 66 17.38 7.73 16.19
C VAL A 66 16.46 8.94 16.30
N ILE A 67 16.22 9.42 17.52
CA ILE A 67 15.31 10.53 17.73
C ILE A 67 15.91 11.86 17.26
N GLU A 68 17.24 11.97 17.30
CA GLU A 68 17.87 13.22 16.83
C GLU A 68 17.85 13.31 15.32
N LYS A 69 18.23 12.23 14.63
CA LYS A 69 17.68 11.99 13.31
C LYS A 69 16.16 11.93 13.45
N LEU A 70 15.43 12.00 12.36
CA LEU A 70 13.98 12.24 12.44
C LEU A 70 13.71 13.69 12.83
N ALA A 71 14.29 14.16 13.94
CA ALA A 71 14.10 15.55 14.33
C ALA A 71 14.68 16.51 13.32
N LYS A 72 15.71 16.09 12.57
CA LYS A 72 16.18 16.93 11.50
C LYS A 72 15.22 16.97 10.31
N GLU A 73 14.20 16.11 10.27
CA GLU A 73 13.13 16.24 9.29
C GLU A 73 12.11 17.30 9.68
N ASN A 74 12.21 17.86 10.88
CA ASN A 74 11.32 18.93 11.30
C ASN A 74 11.77 20.31 10.83
N GLU A 75 13.00 20.43 10.31
CA GLU A 75 13.53 21.76 10.03
C GLU A 75 12.80 22.45 8.89
N VAL A 76 12.33 21.69 7.89
CA VAL A 76 11.38 22.21 6.90
C VAL A 76 10.34 21.12 6.65
N ASN A 77 9.08 21.56 6.45
CA ASN A 77 7.91 20.68 6.43
C ASN A 77 7.89 19.82 7.69
N LYS A 78 7.15 20.27 8.71
CA LYS A 78 7.06 19.58 9.99
C LYS A 78 6.01 18.48 9.94
N PRO A 79 6.41 17.22 9.79
CA PRO A 79 5.43 16.15 9.67
C PRO A 79 4.62 16.01 10.94
N LEU A 80 3.47 15.37 10.81
CA LEU A 80 2.87 14.69 11.93
C LEU A 80 3.57 13.35 12.11
N PHE A 81 4.05 13.09 13.33
CA PHE A 81 4.68 11.82 13.68
C PHE A 81 3.67 10.94 14.40
N ILE A 82 3.50 9.71 13.91
CA ILE A 82 2.77 8.68 14.61
C ILE A 82 3.77 7.62 15.05
N PHE A 83 3.91 7.44 16.36
CA PHE A 83 4.74 6.39 16.95
C PHE A 83 3.83 5.24 17.39
N ALA A 84 4.14 4.03 16.94
CA ALA A 84 3.40 2.85 17.38
C ALA A 84 4.34 1.90 18.09
N ASP A 85 3.89 1.34 19.21
CA ASP A 85 4.67 0.37 19.99
C ASP A 85 5.94 0.99 20.55
N MET A 86 5.95 2.29 20.81
CA MET A 86 7.16 3.01 21.23
C MET A 86 6.75 4.46 21.45
N GLY A 87 7.66 5.23 22.04
CA GLY A 87 7.46 6.65 22.27
C GLY A 87 7.13 7.03 23.71
N SER A 88 6.42 6.17 24.45
CA SER A 88 6.05 6.55 25.82
C SER A 88 7.28 6.64 26.74
N GLY A 89 8.19 5.67 26.65
CA GLY A 89 9.39 5.75 27.46
C GLY A 89 10.33 6.86 27.01
N GLN A 90 10.35 7.13 25.71
CA GLN A 90 11.18 8.19 25.14
C GLN A 90 10.45 9.53 25.09
N ILE A 91 9.42 9.71 25.93
CA ILE A 91 8.52 10.85 25.79
C ILE A 91 9.26 12.17 26.03
N GLU A 92 10.20 12.17 26.97
CA GLU A 92 10.86 13.43 27.30
C GLU A 92 11.68 13.95 26.13
N GLU A 93 12.38 13.05 25.42
CA GLU A 93 13.14 13.47 24.25
C GLU A 93 12.22 13.94 23.12
N ILE A 94 11.06 13.28 22.97
CA ILE A 94 10.10 13.70 21.95
C ILE A 94 9.61 15.12 22.24
N ILE A 95 9.34 15.42 23.51
CA ILE A 95 8.92 16.77 23.92
C ILE A 95 10.05 17.78 23.68
N LYS A 96 11.29 17.37 23.94
CA LYS A 96 12.41 18.31 23.84
C LYS A 96 12.63 18.78 22.40
N HIS A 97 12.49 17.88 21.42
CA HIS A 97 12.65 18.28 20.02
C HIS A 97 11.36 18.83 19.43
N ASN A 98 10.27 18.87 20.19
CA ASN A 98 9.05 19.54 19.79
C ASN A 98 8.45 18.90 18.52
N PHE A 99 8.31 17.59 18.53
CA PHE A 99 7.58 16.91 17.46
C PHE A 99 6.09 17.19 17.58
N ASN A 100 5.44 17.28 16.42
CA ASN A 100 4.00 17.10 16.34
C ASN A 100 3.74 15.60 16.31
N ALA A 101 3.24 15.03 17.41
CA ALA A 101 3.34 13.58 17.57
C ALA A 101 2.07 12.99 18.14
N ILE A 102 1.79 11.77 17.71
CA ILE A 102 0.78 10.89 18.28
C ILE A 102 1.48 9.62 18.72
N ILE A 103 1.34 9.27 19.99
CA ILE A 103 2.06 8.12 20.56
C ILE A 103 1.05 7.03 20.86
N LEU A 104 1.25 5.87 20.26
CA LEU A 104 0.36 4.72 20.40
C LEU A 104 1.21 3.60 21.00
N ASP A 105 1.25 3.55 22.33
CA ASP A 105 2.23 2.74 23.03
C ASP A 105 1.60 2.05 24.23
N HIS A 106 1.93 0.77 24.43
CA HIS A 106 1.46 0.04 25.60
C HIS A 106 2.59 -0.30 26.58
N HIS A 107 3.79 0.26 26.38
CA HIS A 107 4.84 0.16 27.40
C HIS A 107 4.53 1.10 28.56
N PRO A 108 5.03 0.81 29.76
CA PRO A 108 4.73 1.66 30.95
C PRO A 108 5.12 3.10 30.71
N PRO A 109 4.21 4.05 30.93
CA PRO A 109 4.49 5.46 30.57
C PRO A 109 5.34 6.17 31.61
N VAL A 110 6.15 7.10 31.11
CA VAL A 110 6.93 7.99 31.98
C VAL A 110 6.09 9.17 32.44
N ILE A 111 5.31 9.78 31.54
CA ILE A 111 4.34 10.84 31.88
C ILE A 111 2.95 10.25 31.70
N LYS A 112 2.11 10.35 32.72
CA LYS A 112 0.79 9.71 32.68
C LYS A 112 -0.31 10.66 32.23
N ASP A 113 -0.01 11.53 31.27
CA ASP A 113 -0.99 12.44 30.68
C ASP A 113 -1.35 11.96 29.28
N SER A 114 -2.63 12.05 28.94
CA SER A 114 -3.05 11.74 27.58
C SER A 114 -2.68 12.87 26.62
N PHE A 115 -2.92 14.11 27.02
CA PHE A 115 -2.63 15.28 26.21
C PHE A 115 -1.43 15.96 26.85
N ILE A 116 -0.24 15.70 26.32
CA ILE A 116 0.98 16.23 26.92
C ILE A 116 0.92 17.75 26.80
N ASN A 117 1.05 18.28 25.59
CA ASN A 117 0.81 19.70 25.39
C ASN A 117 -0.13 19.82 24.19
N GLU A 118 -0.13 21.00 23.55
CA GLU A 118 -0.93 21.17 22.34
C GLU A 118 -0.37 20.42 21.13
N ASN A 119 0.85 19.88 21.24
CA ASN A 119 1.57 19.24 20.15
C ASN A 119 1.51 17.71 20.18
N ILE A 120 1.27 17.11 21.34
CA ILE A 120 1.44 15.67 21.52
C ILE A 120 0.19 15.09 22.15
N ILE A 121 -0.35 14.03 21.55
CA ILE A 121 -1.33 13.16 22.19
C ILE A 121 -0.68 11.81 22.42
N GLN A 122 -0.82 11.28 23.62
CA GLN A 122 -0.26 9.98 24.02
C GLN A 122 -1.42 9.08 24.39
N LEU A 123 -1.63 8.02 23.63
CA LEU A 123 -2.66 7.03 23.94
C LEU A 123 -1.99 5.81 24.58
N ASN A 124 -1.94 5.79 25.92
CA ASN A 124 -1.37 4.66 26.66
C ASN A 124 -2.44 4.01 27.52
N PRO A 125 -2.68 2.71 27.36
CA PRO A 125 -3.69 2.05 28.21
C PRO A 125 -3.33 2.03 29.69
N HIS A 126 -2.03 2.09 30.03
CA HIS A 126 -1.63 2.17 31.43
C HIS A 126 -2.20 3.43 32.07
N ILE A 127 -2.28 4.51 31.30
CA ILE A 127 -2.88 5.75 31.80
C ILE A 127 -4.31 5.52 32.29
N PHE A 128 -5.01 4.53 31.72
CA PHE A 128 -6.39 4.21 32.14
C PHE A 128 -6.46 2.92 32.95
N GLY A 129 -5.36 2.50 33.57
CA GLY A 129 -5.39 1.30 34.39
C GLY A 129 -5.60 0.00 33.66
N VAL A 130 -5.22 -0.07 32.39
CA VAL A 130 -5.23 -1.31 31.62
C VAL A 130 -3.80 -1.79 31.48
N ASP A 131 -3.55 -3.07 31.79
CA ASP A 131 -2.18 -3.57 31.83
C ASP A 131 -1.69 -3.84 30.41
N GLY A 132 -0.73 -3.03 29.96
CA GLY A 132 -0.15 -3.20 28.63
C GLY A 132 0.59 -4.51 28.42
N SER A 133 0.74 -5.33 29.46
CA SER A 133 1.41 -6.62 29.31
C SER A 133 0.43 -7.79 29.17
N ARG A 134 -0.84 -7.57 29.45
CA ARG A 134 -1.76 -8.70 29.49
C ARG A 134 -3.09 -8.43 28.83
N GLU A 135 -3.51 -7.16 28.69
CA GLU A 135 -4.87 -6.81 28.33
C GLU A 135 -5.00 -5.97 27.06
N ILE A 136 -3.91 -5.49 26.48
CA ILE A 136 -3.91 -4.89 25.15
C ILE A 136 -2.49 -4.83 24.64
N THR A 137 -2.34 -4.91 23.32
CA THR A 137 -1.09 -4.78 22.61
C THR A 137 -1.05 -3.44 21.89
N ALA A 138 0.11 -3.15 21.30
CA ALA A 138 0.21 -1.96 20.45
C ALA A 138 -0.70 -2.07 19.24
N SER A 139 -0.88 -3.28 18.71
CA SER A 139 -1.84 -3.49 17.63
C SER A 139 -3.23 -3.08 18.04
N GLY A 140 -3.64 -3.48 19.25
CA GLY A 140 -4.97 -3.16 19.72
C GLY A 140 -5.17 -1.68 19.96
N VAL A 141 -4.10 -0.97 20.31
CA VAL A 141 -4.19 0.47 20.46
C VAL A 141 -4.39 1.14 19.10
N CYS A 142 -3.61 0.72 18.09
CA CYS A 142 -3.88 1.19 16.75
C CYS A 142 -5.29 0.85 16.31
N TYR A 143 -5.77 -0.34 16.66
CA TYR A 143 -7.13 -0.71 16.23
C TYR A 143 -8.19 0.17 16.92
N LEU A 144 -7.96 0.59 18.16
CA LEU A 144 -8.96 1.45 18.82
C LEU A 144 -9.10 2.76 18.09
N VAL A 145 -8.01 3.27 17.52
CA VAL A 145 -8.13 4.43 16.65
C VAL A 145 -8.90 4.06 15.40
N ALA A 146 -8.46 3.02 14.70
CA ALA A 146 -9.07 2.57 13.45
C ALA A 146 -10.58 2.39 13.57
N ARG A 147 -11.07 1.91 14.72
CA ARG A 147 -12.50 1.67 14.82
C ARG A 147 -13.28 2.97 14.95
N GLU A 148 -12.62 4.08 15.29
CA GLU A 148 -13.32 5.36 15.22
C GLU A 148 -13.74 5.69 13.79
N PHE A 149 -13.06 5.11 12.78
CA PHE A 149 -13.42 5.27 11.38
C PHE A 149 -14.34 4.17 10.86
N GLY A 150 -14.72 3.21 11.70
CA GLY A 150 -15.51 2.09 11.23
C GLY A 150 -14.72 1.00 10.54
N TYR A 151 -13.39 0.99 10.67
CA TYR A 151 -12.55 0.02 9.95
C TYR A 151 -12.42 -1.26 10.77
N TYR A 152 -13.58 -1.93 10.94
CA TYR A 152 -13.68 -3.13 11.77
C TYR A 152 -12.90 -4.30 11.21
N ASP A 153 -12.75 -4.34 9.88
CA ASP A 153 -11.97 -5.40 9.26
C ASP A 153 -10.53 -5.38 9.74
N LEU A 154 -10.07 -4.27 10.28
CA LEU A 154 -8.69 -4.19 10.74
C LEU A 154 -8.47 -4.95 12.04
N SER A 155 -9.55 -5.46 12.61
CA SER A 155 -9.43 -6.22 13.85
C SER A 155 -8.58 -7.46 13.66
N VAL A 156 -8.47 -7.98 12.42
CA VAL A 156 -7.72 -9.21 12.23
C VAL A 156 -6.23 -8.99 12.48
N LEU A 157 -5.72 -7.80 12.15
CA LEU A 157 -4.32 -7.48 12.46
C LEU A 157 -4.12 -7.26 13.97
N ALA A 158 -5.11 -6.72 14.68
CA ALA A 158 -4.99 -6.62 16.13
C ALA A 158 -4.90 -8.00 16.78
N ILE A 159 -5.65 -8.96 16.24
CA ILE A 159 -5.58 -10.33 16.74
C ILE A 159 -4.20 -10.94 16.50
N VAL A 160 -3.59 -10.67 15.33
CA VAL A 160 -2.22 -11.13 15.12
C VAL A 160 -1.27 -10.53 16.15
N GLY A 161 -1.45 -9.24 16.47
CA GLY A 161 -0.64 -8.64 17.52
C GLY A 161 -0.88 -9.25 18.89
N ILE A 162 -2.14 -9.54 19.22
CA ILE A 162 -2.45 -10.23 20.48
C ILE A 162 -1.64 -11.52 20.59
N ILE A 163 -1.53 -12.25 19.48
CA ILE A 163 -0.84 -13.54 19.50
C ILE A 163 0.67 -13.33 19.62
N GLY A 164 1.22 -12.44 18.80
CA GLY A 164 2.66 -12.20 18.80
C GLY A 164 3.19 -11.68 20.13
N ASP A 165 2.36 -10.99 20.90
CA ASP A 165 2.76 -10.45 22.20
C ASP A 165 2.34 -11.33 23.37
N MET A 166 1.98 -12.59 23.09
CA MET A 166 1.70 -13.57 24.14
C MET A 166 0.61 -13.11 25.10
N GLN A 167 -0.47 -12.54 24.55
CA GLN A 167 -1.59 -12.12 25.38
C GLN A 167 -2.89 -12.85 25.06
N TYR A 168 -2.81 -14.02 24.41
CA TYR A 168 -4.02 -14.71 24.00
C TYR A 168 -4.49 -15.76 24.98
N ASN A 169 -3.66 -16.15 25.96
CA ASN A 169 -4.03 -17.16 26.93
C ASN A 169 -3.46 -16.79 28.30
N PRO A 170 -4.27 -16.19 29.18
CA PRO A 170 -5.70 -15.94 28.98
C PRO A 170 -6.03 -14.68 28.15
N LEU A 171 -7.14 -14.75 27.42
CA LEU A 171 -7.64 -13.61 26.65
C LEU A 171 -8.41 -12.67 27.59
N LEU A 172 -7.85 -11.50 27.86
CA LEU A 172 -8.34 -10.61 28.91
C LEU A 172 -8.69 -9.22 28.39
N GLY A 173 -9.60 -8.56 29.11
CA GLY A 173 -9.83 -7.12 28.98
C GLY A 173 -10.09 -6.63 27.56
N LEU A 174 -9.35 -5.58 27.17
CA LEU A 174 -9.60 -4.95 25.88
C LEU A 174 -9.30 -5.90 24.72
N ASN A 175 -8.33 -6.80 24.88
CA ASN A 175 -8.13 -7.83 23.87
C ASN A 175 -9.34 -8.72 23.72
N LYS A 176 -10.04 -8.98 24.83
CA LYS A 176 -11.26 -9.76 24.73
C LYS A 176 -12.33 -8.99 23.98
N PHE A 177 -12.44 -7.69 24.24
CA PHE A 177 -13.37 -6.84 23.50
C PHE A 177 -13.10 -6.93 22.00
N ILE A 178 -11.84 -6.74 21.61
CA ILE A 178 -11.46 -6.74 20.20
C ILE A 178 -11.79 -8.07 19.56
N VAL A 179 -11.47 -9.17 20.23
CA VAL A 179 -11.74 -10.49 19.65
C VAL A 179 -13.23 -10.68 19.44
N ASN A 180 -14.04 -10.30 20.43
CA ASN A 180 -15.49 -10.48 20.31
C ASN A 180 -16.05 -9.62 19.19
N GLU A 181 -15.58 -8.38 19.07
CA GLU A 181 -16.04 -7.51 17.99
C GLU A 181 -15.72 -8.12 16.63
N ALA A 182 -14.50 -8.64 16.46
CA ALA A 182 -14.16 -9.30 15.20
C ALA A 182 -15.05 -10.50 14.94
N ARG A 183 -15.50 -11.17 16.00
CA ARG A 183 -16.39 -12.31 15.78
C ARG A 183 -17.79 -11.84 15.42
N GLU A 184 -18.26 -10.74 16.02
CA GLU A 184 -19.58 -10.21 15.69
C GLU A 184 -19.65 -9.79 14.24
N TYR A 185 -18.64 -9.05 13.77
CA TYR A 185 -18.56 -8.60 12.39
C TYR A 185 -18.06 -9.68 11.45
N ARG A 186 -17.97 -10.92 11.93
CA ARG A 186 -17.58 -12.10 11.16
C ARG A 186 -16.21 -11.96 10.48
N TYR A 187 -15.28 -11.24 11.09
CA TYR A 187 -13.91 -11.26 10.57
C TYR A 187 -13.06 -12.37 11.19
N VAL A 188 -13.53 -13.07 12.22
CA VAL A 188 -12.77 -14.18 12.79
C VAL A 188 -13.73 -15.26 13.27
N LYS A 189 -13.29 -16.51 13.12
CA LYS A 189 -13.95 -17.65 13.71
C LYS A 189 -12.94 -18.38 14.60
N ILE A 190 -13.43 -18.86 15.75
CA ILE A 190 -12.61 -19.45 16.80
C ILE A 190 -12.86 -20.95 16.82
N MET A 191 -11.78 -21.74 16.87
CA MET A 191 -11.94 -23.19 16.84
C MET A 191 -10.82 -23.85 17.64
N ASN A 192 -11.19 -24.65 18.64
CA ASN A 192 -10.20 -25.38 19.42
C ASN A 192 -9.57 -26.49 18.58
N ASP A 193 -8.24 -26.60 18.63
CA ASP A 193 -7.56 -27.55 17.76
C ASP A 193 -6.17 -27.84 18.33
N ILE A 194 -5.52 -28.85 17.77
CA ILE A 194 -4.13 -29.11 18.10
C ILE A 194 -3.23 -28.12 17.37
N VAL A 195 -2.21 -27.63 18.08
CA VAL A 195 -1.34 -26.60 17.52
C VAL A 195 -0.73 -27.02 16.18
N TYR A 196 -0.45 -28.32 16.01
CA TYR A 196 0.28 -28.72 14.83
C TYR A 196 -0.58 -28.57 13.56
N ASN A 197 -1.89 -28.41 13.70
CA ASN A 197 -2.73 -28.23 12.52
C ASN A 197 -2.66 -26.80 11.96
N ILE A 198 -1.97 -25.86 12.63
CA ILE A 198 -1.95 -24.51 12.07
C ILE A 198 -1.01 -24.37 10.89
N TYR A 199 -0.07 -25.30 10.68
CA TYR A 199 0.99 -25.06 9.72
C TYR A 199 0.63 -25.50 8.32
N ASP A 200 -0.30 -26.44 8.19
CA ASP A 200 -0.69 -26.99 6.90
C ASP A 200 0.53 -27.50 6.13
N VAL A 201 1.44 -28.16 6.86
CA VAL A 201 2.52 -28.92 6.28
C VAL A 201 2.45 -30.34 6.84
N GLU A 202 3.31 -31.21 6.32
CA GLU A 202 3.41 -32.56 6.88
C GLU A 202 3.60 -32.50 8.38
N ILE A 203 2.87 -33.36 9.10
CA ILE A 203 2.81 -33.27 10.56
C ILE A 203 4.18 -33.52 11.18
N TYR A 204 4.95 -34.45 10.63
CA TYR A 204 6.28 -34.70 11.19
C TYR A 204 7.16 -33.45 11.08
N LYS A 205 6.96 -32.64 10.05
CA LYS A 205 7.66 -31.36 10.01
C LYS A 205 7.05 -30.39 11.02
N ALA A 206 5.73 -30.42 11.19
CA ALA A 206 5.09 -29.52 12.13
C ALA A 206 5.54 -29.80 13.56
N ILE A 207 5.66 -31.08 13.90
CA ILE A 207 6.19 -31.45 15.21
C ILE A 207 7.67 -31.09 15.32
N ALA A 208 8.45 -31.42 14.27
CA ALA A 208 9.90 -31.27 14.34
C ALA A 208 10.32 -29.84 14.67
N TYR A 209 9.63 -28.85 14.12
CA TYR A 209 10.06 -27.47 14.20
C TYR A 209 9.18 -26.63 15.13
N CYS A 210 8.26 -27.26 15.85
CA CYS A 210 7.41 -26.52 16.76
C CYS A 210 8.20 -26.11 18.00
N THR A 211 8.07 -24.84 18.39
CA THR A 211 8.64 -24.33 19.62
C THR A 211 7.58 -23.83 20.60
N LYS A 212 6.33 -24.25 20.42
CA LYS A 212 5.31 -24.05 21.46
C LYS A 212 4.23 -25.09 21.28
N PRO A 213 4.36 -26.25 21.96
CA PRO A 213 5.50 -26.47 22.86
C PRO A 213 6.75 -26.98 22.14
N TYR A 214 7.92 -26.58 22.64
CA TYR A 214 9.19 -27.15 22.21
C TYR A 214 9.39 -28.49 22.91
N ILE A 215 9.66 -29.53 22.12
CA ILE A 215 9.87 -30.86 22.69
C ILE A 215 11.21 -31.36 22.16
N PRO A 216 12.30 -31.15 22.90
CA PRO A 216 13.64 -31.47 22.37
C PRO A 216 13.79 -32.88 21.84
N ASP A 217 13.09 -33.86 22.41
CA ASP A 217 13.21 -35.22 21.92
C ASP A 217 12.45 -35.47 20.62
N LEU A 218 11.57 -34.55 20.22
CA LEU A 218 10.87 -34.67 18.95
C LEU A 218 11.33 -33.64 17.93
N ALA A 219 12.21 -32.73 18.34
CA ALA A 219 12.64 -31.62 17.50
C ALA A 219 13.63 -32.08 16.42
N SER A 220 13.21 -33.08 15.66
CA SER A 220 13.94 -33.42 14.45
C SER A 220 12.99 -34.15 13.53
N GLU A 221 13.24 -34.04 12.23
CA GLU A 221 12.35 -34.71 11.28
C GLU A 221 12.39 -36.21 11.48
N GLY A 222 13.59 -36.77 11.70
CA GLY A 222 13.70 -38.21 11.85
C GLY A 222 12.92 -38.72 13.05
N LYS A 223 13.12 -38.10 14.21
CA LYS A 223 12.45 -38.58 15.42
C LYS A 223 10.96 -38.35 15.35
N ALA A 224 10.53 -37.18 14.86
CA ALA A 224 9.09 -36.92 14.76
C ALA A 224 8.43 -37.91 13.81
N PHE A 225 9.09 -38.20 12.69
CA PHE A 225 8.57 -39.19 11.74
C PHE A 225 8.38 -40.53 12.43
N LYS A 226 9.43 -41.03 13.09
CA LYS A 226 9.35 -42.31 13.78
C LYS A 226 8.28 -42.30 14.88
N PHE A 227 8.22 -41.23 15.67
CA PHE A 227 7.25 -41.17 16.76
C PHE A 227 5.82 -41.31 16.25
N LEU A 228 5.53 -40.77 15.07
CA LEU A 228 4.18 -40.89 14.54
C LEU A 228 3.94 -42.25 13.91
N LYS A 229 4.92 -42.76 13.15
CA LYS A 229 4.86 -44.13 12.62
C LYS A 229 4.42 -45.12 13.68
N ASP A 230 5.02 -45.00 14.87
CA ASP A 230 4.88 -45.96 15.95
C ASP A 230 3.57 -45.87 16.70
N ILE A 231 2.65 -44.97 16.32
CA ILE A 231 1.34 -44.91 16.95
C ILE A 231 0.21 -44.94 15.94
N GLY A 232 0.50 -45.09 14.65
CA GLY A 232 -0.53 -45.29 13.66
C GLY A 232 -1.06 -44.02 13.02
N ILE A 233 -0.16 -43.09 12.69
CA ILE A 233 -0.53 -41.84 12.04
C ILE A 233 0.33 -41.69 10.80
N ASP A 234 -0.30 -41.42 9.67
CA ASP A 234 0.50 -41.20 8.47
C ASP A 234 1.26 -39.89 8.64
N PRO A 235 2.59 -39.91 8.80
CA PRO A 235 3.31 -38.67 9.10
C PRO A 235 3.31 -37.68 7.95
N ASN A 236 2.85 -38.08 6.77
CA ASN A 236 2.80 -37.18 5.62
C ASN A 236 1.46 -36.48 5.48
N LYS A 237 0.47 -36.84 6.29
CA LYS A 237 -0.76 -36.05 6.38
C LYS A 237 -0.41 -34.61 6.72
N LYS A 238 -1.24 -33.68 6.27
CA LYS A 238 -1.06 -32.27 6.57
C LYS A 238 -2.02 -31.76 7.65
N GLN A 239 -3.12 -32.46 7.91
CA GLN A 239 -4.01 -32.16 9.02
C GLN A 239 -4.38 -33.44 9.77
N LEU A 240 -4.69 -33.29 11.06
CA LEU A 240 -5.01 -34.42 11.92
C LEU A 240 -6.51 -34.45 12.20
N ASP A 241 -7.17 -35.53 11.78
CA ASP A 241 -8.55 -35.78 12.21
C ASP A 241 -8.60 -36.09 13.70
N ASP A 242 -9.82 -36.17 14.23
CA ASP A 242 -10.00 -36.29 15.68
C ASP A 242 -9.37 -37.55 16.24
N THR A 243 -9.43 -38.68 15.53
CA THR A 243 -8.87 -39.92 16.04
C THR A 243 -7.35 -39.85 16.15
N ASP A 244 -6.68 -39.31 15.13
CA ASP A 244 -5.24 -39.11 15.23
C ASP A 244 -4.87 -38.01 16.21
N LYS A 245 -5.75 -37.02 16.40
CA LYS A 245 -5.52 -36.03 17.44
C LYS A 245 -5.46 -36.71 18.80
N LYS A 246 -6.56 -37.38 19.19
CA LYS A 246 -6.60 -38.12 20.45
C LYS A 246 -5.43 -39.09 20.59
N LYS A 247 -5.07 -39.81 19.51
CA LYS A 247 -3.93 -40.71 19.60
C LYS A 247 -2.60 -39.98 19.78
N LEU A 248 -2.47 -38.75 19.26
CA LEU A 248 -1.21 -38.02 19.46
C LEU A 248 -1.18 -37.36 20.84
N LEU A 249 -2.32 -36.88 21.31
CA LEU A 249 -2.35 -36.23 22.62
C LEU A 249 -1.95 -37.20 23.73
N SER A 250 -2.58 -38.38 23.76
CA SER A 250 -2.28 -39.33 24.83
C SER A 250 -0.83 -39.82 24.76
N ALA A 251 -0.34 -40.15 23.56
CA ALA A 251 1.07 -40.53 23.45
C ALA A 251 2.00 -39.41 23.94
N ILE A 252 1.71 -38.15 23.61
CA ILE A 252 2.60 -37.07 24.04
C ILE A 252 2.48 -36.83 25.54
N ILE A 253 1.26 -36.84 26.06
CA ILE A 253 1.09 -36.54 27.48
C ILE A 253 1.67 -37.67 28.34
N PHE A 254 1.67 -38.90 27.82
CA PHE A 254 2.24 -40.01 28.58
C PHE A 254 3.75 -39.87 28.71
N LYS A 255 4.46 -39.76 27.59
CA LYS A 255 5.92 -39.70 27.66
C LYS A 255 6.42 -38.34 28.16
N TYR A 256 5.62 -37.28 28.04
CA TYR A 256 6.03 -35.94 28.48
C TYR A 256 4.91 -35.28 29.27
N PRO A 257 4.67 -35.72 30.51
CA PRO A 257 3.46 -35.30 31.23
C PRO A 257 3.46 -33.85 31.69
N LYS A 258 4.58 -33.14 31.61
CA LYS A 258 4.56 -31.75 32.00
C LYS A 258 4.23 -30.81 30.83
N ILE A 259 4.23 -31.33 29.60
CA ILE A 259 3.96 -30.49 28.43
C ILE A 259 2.54 -29.92 28.52
N GLU A 260 2.39 -28.65 28.13
CA GLU A 260 1.10 -28.01 28.07
C GLU A 260 0.91 -27.31 26.73
N ASN A 261 -0.32 -26.84 26.52
CA ASN A 261 -0.68 -26.03 25.35
C ASN A 261 -0.53 -26.81 24.03
N LEU A 262 -0.91 -28.09 24.06
CA LEU A 262 -1.04 -28.80 22.79
C LEU A 262 -2.37 -28.50 22.11
N LEU A 263 -3.40 -28.23 22.89
CA LEU A 263 -4.69 -27.75 22.39
C LEU A 263 -4.73 -26.24 22.55
N ILE A 264 -5.12 -25.55 21.48
CA ILE A 264 -5.17 -24.09 21.46
C ILE A 264 -6.46 -23.66 20.78
N ASP A 265 -6.89 -22.44 21.11
CA ASP A 265 -8.00 -21.79 20.39
C ASP A 265 -7.44 -21.13 19.13
N ARG A 266 -7.67 -21.75 17.98
CA ARG A 266 -7.25 -21.17 16.70
C ARG A 266 -8.14 -20.01 16.31
N TYR A 267 -7.51 -18.98 15.74
CA TYR A 267 -8.20 -17.79 15.23
C TYR A 267 -8.08 -17.81 13.70
N LEU A 268 -9.18 -18.14 13.03
CA LEU A 268 -9.23 -18.15 11.58
C LEU A 268 -9.79 -16.81 11.13
N ILE A 269 -8.92 -15.98 10.55
CA ILE A 269 -9.24 -14.59 10.27
C ILE A 269 -9.51 -14.43 8.80
N GLU A 270 -10.28 -13.39 8.46
CA GLU A 270 -10.45 -12.97 7.09
C GLU A 270 -9.18 -12.30 6.56
N HIS A 271 -8.29 -13.10 6.02
CA HIS A 271 -6.99 -12.62 5.55
C HIS A 271 -6.46 -13.70 4.63
N LYS A 272 -5.67 -13.30 3.63
CA LYS A 272 -5.09 -14.29 2.73
C LYS A 272 -4.32 -15.38 3.48
N VAL A 273 -3.62 -15.00 4.55
CA VAL A 273 -3.10 -15.98 5.51
C VAL A 273 -4.18 -16.18 6.56
N ARG A 274 -4.93 -17.28 6.45
CA ARG A 274 -6.17 -17.46 7.21
C ARG A 274 -5.93 -17.76 8.69
N ASP A 275 -4.81 -18.38 9.04
CA ASP A 275 -4.55 -18.76 10.43
C ASP A 275 -3.71 -17.68 11.10
N ALA A 276 -4.30 -17.00 12.09
CA ALA A 276 -3.62 -15.89 12.75
C ALA A 276 -2.34 -16.34 13.47
N PHE A 277 -2.31 -17.58 14.01
CA PHE A 277 -1.07 -18.04 14.63
C PHE A 277 0.04 -18.17 13.59
N LEU A 278 -0.31 -18.63 12.38
CA LEU A 278 0.71 -18.71 11.34
C LEU A 278 1.14 -17.32 10.89
N LEU A 279 0.18 -16.40 10.77
CA LEU A 279 0.54 -15.05 10.35
C LEU A 279 1.45 -14.39 11.37
N SER A 280 1.18 -14.61 12.66
CA SER A 280 2.04 -14.07 13.71
C SER A 280 3.47 -14.61 13.60
N GLU A 281 3.63 -15.94 13.40
CA GLU A 281 4.96 -16.52 13.23
C GLU A 281 5.62 -16.00 11.97
N MET A 282 4.85 -15.91 10.87
CA MET A 282 5.43 -15.41 9.63
C MET A 282 5.95 -13.99 9.80
N LEU A 283 5.19 -13.13 10.48
CA LEU A 283 5.66 -11.76 10.69
C LEU A 283 6.90 -11.72 11.58
N ASN A 284 6.96 -12.61 12.57
CA ASN A 284 8.13 -12.61 13.42
C ASN A 284 9.37 -12.99 12.62
N ALA A 285 9.28 -14.08 11.85
CA ALA A 285 10.43 -14.55 11.10
C ALA A 285 10.90 -13.49 10.11
N VAL A 286 9.94 -12.83 9.47
CA VAL A 286 10.26 -11.80 8.48
C VAL A 286 10.92 -10.62 9.16
N GLY A 287 10.39 -10.18 10.29
CA GLY A 287 10.97 -9.04 10.99
C GLY A 287 12.36 -9.33 11.52
N ARG A 288 12.59 -10.56 11.99
CA ARG A 288 13.90 -10.92 12.53
C ARG A 288 14.94 -11.01 11.44
N ASN A 289 14.53 -11.24 10.20
CA ASN A 289 15.44 -11.20 9.07
C ASN A 289 15.60 -9.81 8.49
N GLY A 290 15.07 -8.78 9.14
CA GLY A 290 15.24 -7.43 8.62
C GLY A 290 14.39 -7.11 7.42
N LEU A 291 13.38 -7.92 7.14
CA LEU A 291 12.55 -7.71 5.95
C LEU A 291 11.30 -6.94 6.36
N PHE A 292 11.50 -5.65 6.66
CA PHE A 292 10.43 -4.86 7.25
C PHE A 292 9.34 -4.55 6.24
N ALA A 293 9.72 -4.07 5.04
CA ALA A 293 8.73 -3.72 4.03
C ALA A 293 7.98 -4.96 3.53
N VAL A 294 8.63 -6.12 3.50
CA VAL A 294 7.93 -7.35 3.13
C VAL A 294 6.86 -7.67 4.17
N GLY A 295 7.14 -7.41 5.45
CA GLY A 295 6.15 -7.67 6.49
C GLY A 295 4.94 -6.76 6.38
N ILE A 296 5.15 -5.48 6.13
CA ILE A 296 4.02 -4.60 5.82
C ILE A 296 3.26 -5.15 4.60
N GLY A 297 3.98 -5.51 3.53
CA GLY A 297 3.34 -6.13 2.38
C GLY A 297 2.46 -7.32 2.74
N ILE A 298 2.93 -8.16 3.67
CA ILE A 298 2.13 -9.30 4.09
C ILE A 298 0.83 -8.83 4.76
N CYS A 299 0.91 -7.80 5.61
CA CYS A 299 -0.30 -7.27 6.23
C CYS A 299 -1.27 -6.77 5.20
N LEU A 300 -0.77 -6.17 4.11
CA LEU A 300 -1.61 -5.68 3.03
C LEU A 300 -2.01 -6.79 2.07
N GLU A 301 -1.64 -8.05 2.34
CA GLU A 301 -2.11 -9.20 1.57
C GLU A 301 -1.55 -9.22 0.14
N ASP A 302 -0.29 -8.81 -0.06
CA ASP A 302 0.34 -9.00 -1.36
C ASP A 302 0.83 -10.44 -1.53
N ASP A 303 0.51 -11.06 -2.67
CA ASP A 303 0.82 -12.48 -2.87
C ASP A 303 2.32 -12.75 -2.85
N GLU A 304 3.13 -11.90 -3.50
CA GLU A 304 4.56 -12.16 -3.51
C GLU A 304 5.17 -11.96 -2.12
N CYS A 305 4.75 -10.94 -1.39
CA CYS A 305 5.25 -10.76 -0.03
C CYS A 305 4.92 -11.98 0.84
N ILE A 306 3.71 -12.55 0.67
CA ILE A 306 3.30 -13.73 1.43
C ILE A 306 4.12 -14.96 1.03
N LYS A 307 4.45 -15.07 -0.25
CA LYS A 307 5.32 -16.15 -0.71
C LYS A 307 6.71 -16.06 -0.06
N ILE A 308 7.30 -14.86 -0.05
CA ILE A 308 8.58 -14.66 0.64
C ILE A 308 8.44 -15.00 2.13
N GLY A 309 7.33 -14.57 2.73
CA GLY A 309 7.09 -14.85 4.15
C GLY A 309 7.08 -16.33 4.47
N ASN A 310 6.43 -17.15 3.63
CA ASN A 310 6.43 -18.60 3.87
C ASN A 310 7.84 -19.15 3.78
N GLN A 311 8.59 -18.73 2.78
CA GLN A 311 9.93 -19.27 2.62
C GLN A 311 10.82 -18.85 3.78
N ILE A 312 10.74 -17.58 4.16
CA ILE A 312 11.59 -17.10 5.23
C ILE A 312 11.19 -17.76 6.55
N LEU A 313 9.89 -17.96 6.76
CA LEU A 313 9.43 -18.56 8.02
C LEU A 313 10.02 -19.95 8.23
N TRP A 314 10.04 -20.78 7.19
CA TRP A 314 10.53 -22.15 7.38
C TRP A 314 12.05 -22.18 7.50
N GLU A 315 12.77 -21.35 6.72
CA GLU A 315 14.18 -21.11 6.99
C GLU A 315 14.41 -20.73 8.46
N TYR A 316 13.61 -19.78 8.96
CA TYR A 316 13.80 -19.30 10.32
C TYR A 316 13.54 -20.38 11.37
N LYS A 317 12.50 -21.19 11.18
CA LYS A 317 12.16 -22.20 12.18
C LYS A 317 13.19 -23.33 12.20
N LYS A 318 13.79 -23.65 11.06
CA LYS A 318 14.86 -24.63 11.05
C LYS A 318 16.09 -24.09 11.77
N ASN A 319 16.52 -22.88 11.41
CA ASN A 319 17.65 -22.22 12.09
C ASN A 319 17.44 -22.17 13.60
N LEU A 320 16.21 -21.90 14.04
CA LEU A 320 15.93 -21.76 15.47
C LEU A 320 16.09 -23.08 16.22
N ILE A 321 15.61 -24.17 15.63
CA ILE A 321 15.75 -25.50 16.25
C ILE A 321 17.23 -25.85 16.42
N ASN A 322 18.04 -25.55 15.39
CA ASN A 322 19.48 -25.76 15.46
C ASN A 322 20.12 -24.92 16.56
N GLU A 323 19.65 -23.69 16.75
CA GLU A 323 20.24 -22.85 17.78
C GLU A 323 19.82 -23.30 19.18
N LEU A 324 18.58 -23.76 19.33
CA LEU A 324 18.15 -24.28 20.62
C LEU A 324 18.99 -25.47 21.05
N LYS A 325 19.30 -26.36 20.10
CA LYS A 325 20.13 -27.52 20.42
C LYS A 325 21.52 -27.12 20.86
N SER A 326 21.97 -25.94 20.45
CA SER A 326 23.34 -25.51 20.64
C SER A 326 23.54 -24.57 21.81
N VAL A 327 22.46 -24.13 22.47
CA VAL A 327 22.57 -23.02 23.42
C VAL A 327 23.24 -23.49 24.70
N LYS A 328 24.07 -22.60 25.27
CA LYS A 328 24.80 -22.86 26.52
C LYS A 328 24.19 -21.98 27.60
N LEU A 329 23.18 -22.50 28.28
CA LEU A 329 22.56 -21.79 29.37
C LEU A 329 23.48 -21.75 30.58
N LYS A 330 23.66 -20.55 31.14
CA LYS A 330 24.55 -20.35 32.28
C LYS A 330 23.75 -19.81 33.46
N LYS A 331 24.02 -20.36 34.65
CA LYS A 331 23.25 -20.07 35.84
C LYS A 331 24.01 -19.08 36.73
N LEU A 332 23.34 -18.00 37.12
CA LEU A 332 23.76 -17.09 38.17
C LEU A 332 22.88 -17.34 39.39
N ASN A 333 22.61 -16.29 40.18
CA ASN A 333 21.85 -16.57 41.38
C ASN A 333 20.35 -16.60 41.12
N ASN A 334 19.83 -15.64 40.35
CA ASN A 334 18.39 -15.63 40.12
C ASN A 334 18.01 -15.48 38.64
N ILE A 335 18.96 -15.64 37.72
CA ILE A 335 18.66 -15.62 36.28
C ILE A 335 19.52 -16.68 35.59
N TYR A 336 19.01 -17.16 34.45
CA TYR A 336 19.84 -17.84 33.46
C TYR A 336 20.20 -16.84 32.36
N TYR A 337 21.23 -17.17 31.59
CA TYR A 337 21.62 -16.29 30.49
C TYR A 337 22.45 -17.07 29.47
N PHE A 338 22.52 -16.52 28.26
CA PHE A 338 23.19 -17.19 27.16
C PHE A 338 23.54 -16.14 26.10
N GLU A 339 24.49 -16.51 25.24
CA GLU A 339 24.82 -15.74 24.05
C GLU A 339 24.22 -16.43 22.82
N GLY A 340 23.68 -15.64 21.90
CA GLY A 340 23.12 -16.21 20.69
C GLY A 340 23.08 -15.17 19.61
N LYS A 341 22.34 -15.49 18.54
CA LYS A 341 22.28 -14.65 17.36
C LYS A 341 21.21 -13.57 17.48
N LYS A 342 21.47 -12.46 16.79
CA LYS A 342 20.67 -11.24 16.90
C LYS A 342 19.18 -11.48 16.67
N GLY A 343 18.83 -12.39 15.76
CA GLY A 343 17.44 -12.64 15.49
C GLY A 343 16.75 -13.66 16.37
N MET A 344 17.51 -14.39 17.21
CA MET A 344 16.97 -15.49 18.01
C MET A 344 16.94 -15.20 19.51
N ILE A 345 17.68 -14.18 19.96
CA ILE A 345 17.90 -13.94 21.38
C ILE A 345 16.60 -13.88 22.15
N GLY A 346 15.66 -13.06 21.69
CA GLY A 346 14.42 -12.88 22.42
C GLY A 346 13.54 -14.12 22.43
N ILE A 347 13.43 -14.80 21.29
CA ILE A 347 12.51 -15.93 21.22
C ILE A 347 13.08 -17.12 22.01
N ILE A 348 14.39 -17.35 21.95
CA ILE A 348 14.95 -18.46 22.73
C ILE A 348 14.74 -18.24 24.21
N ALA A 349 14.99 -17.01 24.68
CA ALA A 349 14.84 -16.71 26.11
C ALA A 349 13.46 -17.09 26.62
N SER A 350 12.40 -16.71 25.88
CA SER A 350 11.06 -17.01 26.33
C SER A 350 10.68 -18.49 26.12
N ILE A 351 11.35 -19.19 25.20
CA ILE A 351 11.15 -20.64 25.10
C ILE A 351 11.73 -21.34 26.33
N LEU A 352 12.95 -20.98 26.71
CA LEU A 352 13.62 -21.60 27.85
C LEU A 352 13.14 -21.11 29.21
N VAL A 353 12.24 -20.12 29.27
CA VAL A 353 11.85 -19.57 30.56
C VAL A 353 10.98 -20.57 31.33
N ASP A 354 11.39 -20.87 32.56
CA ASP A 354 10.67 -21.82 33.41
C ASP A 354 10.56 -21.30 34.83
N ASP A 355 11.64 -21.44 35.61
CA ASP A 355 11.65 -21.10 37.03
C ASP A 355 12.20 -19.71 37.33
N LYS A 356 13.12 -19.22 36.51
CA LYS A 356 13.80 -17.95 36.72
C LYS A 356 13.84 -17.17 35.42
N PRO A 357 13.97 -15.84 35.48
CA PRO A 357 14.12 -15.05 34.24
C PRO A 357 15.31 -15.52 33.42
N VAL A 358 15.20 -15.36 32.11
CA VAL A 358 16.27 -15.74 31.19
C VAL A 358 16.63 -14.53 30.36
N ILE A 359 17.93 -14.32 30.14
CA ILE A 359 18.41 -13.16 29.40
C ILE A 359 19.38 -13.62 28.34
N GLY A 360 19.06 -13.35 27.08
CA GLY A 360 19.98 -13.61 25.99
C GLY A 360 20.64 -12.33 25.54
N TYR A 361 21.80 -12.46 24.90
CA TYR A 361 22.52 -11.30 24.41
C TYR A 361 23.36 -11.68 23.21
N HIS A 362 23.67 -10.67 22.39
CA HIS A 362 24.59 -10.80 21.27
C HIS A 362 25.44 -9.53 21.14
N ILE A 363 26.68 -9.71 20.70
CA ILE A 363 27.61 -8.61 20.46
C ILE A 363 27.47 -8.16 19.02
N GLU A 364 27.48 -6.85 18.80
CA GLU A 364 27.25 -6.27 17.47
C GLU A 364 28.09 -5.00 17.41
N GLY A 365 29.34 -5.14 16.95
CA GLY A 365 30.29 -4.06 17.01
C GLY A 365 30.94 -3.96 18.37
N ASP A 366 30.77 -2.82 19.04
CA ASP A 366 31.38 -2.57 20.34
C ASP A 366 30.39 -2.68 21.50
N ILE A 367 29.16 -3.08 21.23
CA ILE A 367 28.11 -3.10 22.23
C ILE A 367 27.52 -4.51 22.34
N ALA A 368 26.67 -4.70 23.34
CA ALA A 368 25.94 -5.94 23.52
C ALA A 368 24.48 -5.60 23.78
N LYS A 369 23.58 -6.30 23.06
CA LYS A 369 22.14 -6.12 23.18
C LYS A 369 21.57 -7.28 23.98
N PHE A 370 20.74 -6.97 24.97
CA PHE A 370 20.18 -7.99 25.86
C PHE A 370 18.68 -8.06 25.70
N SER A 371 18.13 -9.27 25.73
CA SER A 371 16.69 -9.50 25.73
C SER A 371 16.34 -10.38 26.92
N ALA A 372 15.64 -9.82 27.90
CA ALA A 372 15.28 -10.52 29.12
C ALA A 372 13.81 -10.93 29.06
N ARG A 373 13.54 -12.19 29.40
CA ARG A 373 12.18 -12.70 29.41
C ARG A 373 11.85 -13.32 30.76
N GLY A 374 10.63 -13.07 31.23
CA GLY A 374 10.07 -13.74 32.38
C GLY A 374 8.75 -14.43 32.04
N ASN A 375 7.93 -14.70 33.05
CA ASN A 375 6.58 -15.21 32.85
C ASN A 375 5.66 -14.52 33.83
N ARG A 376 4.36 -14.70 33.65
CA ARG A 376 3.42 -13.98 34.51
C ARG A 376 3.50 -14.45 35.95
N ASP A 377 3.77 -15.74 36.18
CA ASP A 377 4.03 -16.20 37.54
C ASP A 377 5.15 -15.38 38.18
N LEU A 378 6.24 -15.13 37.45
CA LEU A 378 7.36 -14.38 38.02
C LEU A 378 6.99 -12.92 38.26
N VAL A 379 6.17 -12.33 37.39
CA VAL A 379 5.74 -10.95 37.60
C VAL A 379 4.82 -10.86 38.81
N ASN A 380 3.93 -11.85 38.97
CA ASN A 380 3.05 -11.89 40.12
C ASN A 380 3.82 -11.95 41.43
N ARG A 381 5.04 -12.46 41.40
CA ARG A 381 5.95 -12.45 42.54
C ARG A 381 6.85 -11.23 42.55
N GLY A 382 6.56 -10.23 41.72
CA GLY A 382 7.24 -8.96 41.77
C GLY A 382 8.37 -8.72 40.79
N LEU A 383 8.42 -9.46 39.67
CA LEU A 383 9.56 -9.38 38.77
C LEU A 383 9.81 -7.96 38.25
N ASN A 384 9.06 -7.51 37.25
CA ASN A 384 9.32 -6.20 36.60
C ASN A 384 10.72 -6.05 35.97
N LEU A 385 10.90 -6.63 34.78
CA LEU A 385 12.17 -6.51 34.08
C LEU A 385 12.41 -5.11 33.51
N SER A 386 11.37 -4.27 33.42
CA SER A 386 11.57 -2.91 32.95
C SER A 386 12.52 -2.14 33.85
N VAL A 387 12.26 -2.17 35.16
CA VAL A 387 13.15 -1.51 36.11
C VAL A 387 14.51 -2.18 36.16
N ALA A 388 14.56 -3.51 36.01
CA ALA A 388 15.83 -4.23 36.13
C ALA A 388 16.77 -3.88 35.01
N MET A 389 16.29 -3.95 33.75
CA MET A 389 17.14 -3.63 32.60
C MET A 389 17.44 -2.14 32.48
N ALA A 390 16.69 -1.30 33.20
CA ALA A 390 16.95 0.14 33.20
C ALA A 390 18.36 0.50 33.68
N VAL A 391 19.00 -0.37 34.44
CA VAL A 391 20.29 -0.07 35.06
C VAL A 391 21.42 -0.10 34.03
N ALA A 392 21.08 -0.17 32.75
CA ALA A 392 22.10 0.00 31.72
C ALA A 392 22.69 1.41 31.72
N LYS A 393 21.98 2.38 32.30
CA LYS A 393 22.57 3.72 32.47
C LYS A 393 23.70 3.71 33.48
N GLU A 394 23.68 2.79 34.46
CA GLU A 394 24.78 2.62 35.40
C GLU A 394 26.01 2.09 34.70
N PHE A 395 25.91 1.85 33.39
CA PHE A 395 27.01 1.30 32.60
C PHE A 395 27.15 2.00 31.25
N GLY A 396 26.59 3.20 31.09
CA GLY A 396 26.71 3.94 29.86
C GLY A 396 25.73 3.58 28.76
N GLY A 397 24.58 2.99 29.10
CA GLY A 397 23.58 2.65 28.11
C GLY A 397 22.16 2.96 28.53
N ASN A 398 21.21 2.19 28.03
CA ASN A 398 19.82 2.30 28.48
C ASN A 398 19.12 0.97 28.29
N GLY A 399 18.06 0.79 29.07
CA GLY A 399 17.22 -0.38 28.95
C GLY A 399 15.81 -0.06 29.37
N GLY A 400 14.89 -0.90 28.96
CA GLY A 400 13.49 -0.75 29.33
C GLY A 400 12.63 -1.78 28.63
N GLY A 401 11.35 -1.68 28.90
CA GLY A 401 10.36 -2.54 28.27
C GLY A 401 9.19 -2.78 29.20
N HIS A 402 8.65 -4.00 29.13
CA HIS A 402 7.58 -4.44 30.00
C HIS A 402 8.15 -5.15 31.22
N ASP A 403 7.30 -5.25 32.26
CA ASP A 403 7.66 -6.04 33.43
C ASP A 403 8.05 -7.47 33.06
N VAL A 404 7.35 -8.05 32.08
CA VAL A 404 7.62 -9.44 31.69
C VAL A 404 8.61 -9.57 30.53
N ALA A 405 9.00 -8.48 29.89
CA ALA A 405 9.94 -8.59 28.76
C ALA A 405 10.56 -7.22 28.47
N SER A 406 11.89 -7.16 28.52
CA SER A 406 12.62 -5.91 28.37
C SER A 406 13.92 -6.15 27.63
N GLY A 407 14.57 -5.06 27.22
CA GLY A 407 15.84 -5.13 26.52
C GLY A 407 16.80 -4.11 27.08
N ALA A 408 18.03 -4.14 26.57
CA ALA A 408 19.07 -3.23 27.03
C ALA A 408 20.26 -3.30 26.09
N VAL A 409 21.11 -2.27 26.15
CA VAL A 409 22.19 -2.07 25.18
C VAL A 409 23.47 -1.61 25.89
N VAL A 410 24.62 -1.95 25.28
CA VAL A 410 26.02 -1.56 25.59
C VAL A 410 26.51 -2.15 26.91
N SER A 411 27.80 -2.49 26.97
CA SER A 411 28.75 -2.40 25.85
C SER A 411 29.57 -3.67 25.69
N LYS A 412 30.62 -3.81 26.49
CA LYS A 412 31.28 -5.10 26.67
C LYS A 412 31.50 -5.36 28.16
N ASP A 413 30.75 -4.68 29.02
CA ASP A 413 30.62 -4.99 30.44
C ASP A 413 29.58 -6.09 30.69
N LYS A 414 29.47 -7.07 29.80
CA LYS A 414 28.37 -8.01 29.84
C LYS A 414 28.24 -8.64 31.21
N VAL A 415 29.28 -9.33 31.68
CA VAL A 415 29.14 -10.04 32.94
C VAL A 415 28.99 -9.05 34.10
N GLN A 416 29.60 -7.86 34.00
CA GLN A 416 29.41 -6.82 35.02
C GLN A 416 27.96 -6.36 35.05
N GLU A 417 27.42 -6.02 33.88
CA GLU A 417 26.01 -5.62 33.78
C GLU A 417 25.09 -6.75 34.19
N PHE A 418 25.38 -7.98 33.76
CA PHE A 418 24.61 -9.14 34.20
C PHE A 418 24.56 -9.24 35.72
N LEU A 419 25.72 -9.09 36.37
CA LEU A 419 25.77 -9.12 37.83
C LEU A 419 24.75 -8.17 38.45
N LYS A 420 24.63 -6.96 37.91
CA LYS A 420 23.70 -6.00 38.51
C LYS A 420 22.25 -6.45 38.37
N ARG A 421 21.82 -6.94 37.20
CA ARG A 421 20.42 -7.34 37.04
C ARG A 421 20.05 -8.50 37.95
N VAL A 422 20.95 -9.46 38.17
CA VAL A 422 20.66 -10.52 39.14
C VAL A 422 20.38 -9.91 40.50
N ASP A 423 21.01 -8.78 40.83
CA ASP A 423 20.83 -8.13 42.12
C ASP A 423 19.41 -7.63 42.30
N GLU A 424 18.89 -6.86 41.33
CA GLU A 424 17.52 -6.36 41.42
C GLU A 424 16.53 -7.50 41.53
N ILE A 425 16.75 -8.56 40.74
CA ILE A 425 15.79 -9.65 40.73
C ILE A 425 15.84 -10.44 42.03
N ILE A 426 16.90 -10.30 42.84
CA ILE A 426 16.85 -10.73 44.25
C ILE A 426 15.88 -9.84 45.00
N GLY A 427 16.24 -8.56 45.14
CA GLY A 427 15.40 -7.62 45.86
C GLY A 427 13.95 -7.67 45.41
N GLU A 428 13.74 -7.73 44.08
CA GLU A 428 12.38 -7.72 43.55
C GLU A 428 11.58 -8.94 43.97
N GLN A 429 12.23 -10.05 44.22
CA GLN A 429 11.53 -11.26 44.63
C GLN A 429 11.80 -11.64 46.08
N MET B 1 11.34 -6.83 -32.07
CA MET B 1 10.64 -6.51 -30.82
C MET B 1 11.29 -7.24 -29.64
N MET B 2 11.49 -8.55 -29.81
CA MET B 2 12.42 -9.28 -28.97
C MET B 2 13.77 -8.57 -28.91
N GLU B 3 14.20 -7.97 -30.02
CA GLU B 3 15.49 -7.29 -30.03
C GLU B 3 15.41 -5.90 -29.38
N LYS B 4 14.30 -5.17 -29.57
CA LYS B 4 14.20 -3.88 -28.91
C LYS B 4 14.17 -4.02 -27.39
N LEU B 5 13.53 -5.08 -26.87
CA LEU B 5 13.54 -5.33 -25.44
C LEU B 5 14.95 -5.53 -24.91
N LYS B 6 15.80 -6.22 -25.68
CA LYS B 6 17.18 -6.48 -25.27
C LYS B 6 17.96 -5.19 -25.08
N GLU B 7 17.70 -4.18 -25.91
CA GLU B 7 18.36 -2.90 -25.68
C GLU B 7 17.75 -2.17 -24.49
N ILE B 8 16.44 -2.35 -24.24
CA ILE B 8 15.84 -1.74 -23.06
C ILE B 8 16.31 -2.46 -21.80
N GLU B 9 16.47 -3.80 -21.87
CA GLU B 9 16.92 -4.59 -20.71
C GLU B 9 18.19 -4.01 -20.10
N LYS B 10 19.09 -3.50 -20.95
CA LYS B 10 20.32 -2.90 -20.44
C LYS B 10 20.01 -1.80 -19.45
N VAL B 11 19.02 -0.96 -19.75
CA VAL B 11 18.69 0.11 -18.82
C VAL B 11 17.90 -0.43 -17.63
N THR B 12 16.98 -1.38 -17.85
CA THR B 12 16.18 -1.88 -16.72
C THR B 12 17.03 -2.68 -15.74
N LYS B 13 18.03 -3.44 -16.22
CA LYS B 13 18.90 -4.15 -15.27
C LYS B 13 19.70 -3.17 -14.41
N ALA B 14 20.13 -2.06 -14.99
CA ALA B 14 20.84 -1.07 -14.17
C ALA B 14 19.91 -0.37 -13.19
N ILE B 15 18.64 -0.15 -13.58
CA ILE B 15 17.66 0.40 -12.62
C ILE B 15 17.44 -0.59 -11.47
N LYS B 16 17.29 -1.87 -11.79
CA LYS B 16 17.12 -2.91 -10.77
C LYS B 16 18.31 -2.96 -9.81
N GLU B 17 19.53 -2.96 -10.35
CA GLU B 17 20.71 -2.93 -9.50
C GLU B 17 20.76 -1.66 -8.64
N LYS B 18 20.37 -0.52 -9.20
CA LYS B 18 20.43 0.71 -8.42
C LYS B 18 19.44 0.67 -7.25
N ILE B 19 18.26 0.09 -7.46
CA ILE B 19 17.26 0.01 -6.39
C ILE B 19 17.69 -1.00 -5.33
N LEU B 20 18.13 -2.18 -5.74
CA LEU B 20 18.49 -3.23 -4.77
C LEU B 20 19.60 -2.78 -3.83
N ASN B 21 20.60 -2.08 -4.36
CA ASN B 21 21.79 -1.66 -3.63
C ASN B 21 21.59 -0.40 -2.80
N HIS B 22 20.40 0.19 -2.79
CA HIS B 22 20.19 1.42 -2.06
C HIS B 22 19.44 1.12 -0.77
N TYR B 23 19.99 1.59 0.35
CA TYR B 23 19.41 1.29 1.66
C TYR B 23 18.94 2.52 2.42
N GLY B 24 18.90 3.67 1.78
CA GLY B 24 18.37 4.87 2.39
C GLY B 24 16.89 5.09 2.08
N TYR B 25 16.44 6.30 2.35
CA TYR B 25 15.06 6.67 2.05
C TYR B 25 14.82 6.66 0.54
N ILE B 26 13.58 6.43 0.15
CA ILE B 26 13.18 6.39 -1.25
C ILE B 26 11.96 7.27 -1.45
N ARG B 27 12.04 8.20 -2.39
CA ARG B 27 10.93 9.09 -2.71
C ARG B 27 10.39 8.73 -4.08
N VAL B 28 9.08 8.52 -4.16
CA VAL B 28 8.39 8.30 -5.43
C VAL B 28 7.48 9.50 -5.68
N ILE B 29 7.63 10.12 -6.85
CA ILE B 29 6.82 11.25 -7.25
C ILE B 29 6.13 10.84 -8.55
N THR B 30 4.80 10.91 -8.55
CA THR B 30 3.98 10.46 -9.66
C THR B 30 2.91 11.52 -9.95
N HIS B 31 2.20 11.31 -11.05
CA HIS B 31 1.10 12.17 -11.53
C HIS B 31 -0.22 11.75 -10.88
N HIS B 32 -1.24 12.59 -11.06
CA HIS B 32 -2.54 12.33 -10.47
C HIS B 32 -3.54 11.65 -11.41
N ASP B 33 -3.26 11.57 -12.72
CA ASP B 33 -4.18 10.94 -13.65
C ASP B 33 -4.13 9.41 -13.50
N THR B 34 -4.93 8.71 -14.30
CA THR B 34 -4.99 7.25 -14.20
C THR B 34 -3.62 6.59 -14.42
N ASP B 35 -2.86 7.05 -15.41
CA ASP B 35 -1.57 6.43 -15.71
C ASP B 35 -0.58 6.63 -14.56
N GLY B 36 -0.63 7.80 -13.90
CA GLY B 36 0.28 8.04 -12.79
C GLY B 36 -0.11 7.30 -11.52
N LEU B 37 -1.42 7.16 -11.26
CA LEU B 37 -1.81 6.38 -10.10
C LEU B 37 -1.48 4.91 -10.31
N SER B 38 -1.65 4.40 -11.54
CA SER B 38 -1.26 3.01 -11.80
C SER B 38 0.23 2.83 -11.64
N SER B 39 1.03 3.79 -12.15
CA SER B 39 2.48 3.74 -12.02
C SER B 39 2.87 3.69 -10.56
N GLY B 40 2.25 4.53 -9.74
CA GLY B 40 2.52 4.51 -8.31
C GLY B 40 2.17 3.18 -7.69
N GLY B 41 1.09 2.55 -8.15
CA GLY B 41 0.74 1.26 -7.59
C GLY B 41 1.73 0.18 -7.99
N ILE B 42 2.23 0.24 -9.23
CA ILE B 42 3.24 -0.72 -9.65
C ILE B 42 4.52 -0.54 -8.84
N LEU B 43 4.97 0.70 -8.69
CA LEU B 43 6.21 0.93 -7.99
C LEU B 43 6.08 0.54 -6.53
N ALA B 44 4.91 0.83 -5.94
CA ALA B 44 4.67 0.50 -4.54
C ALA B 44 4.75 -1.01 -4.30
N LYS B 45 4.10 -1.80 -5.15
CA LYS B 45 4.17 -3.25 -4.96
C LYS B 45 5.62 -3.73 -5.16
N MET B 46 6.27 -3.21 -6.20
CA MET B 46 7.62 -3.65 -6.55
C MET B 46 8.62 -3.32 -5.45
N LEU B 47 8.53 -2.12 -4.88
CA LEU B 47 9.44 -1.72 -3.82
C LEU B 47 9.22 -2.53 -2.56
N MET B 48 7.95 -2.72 -2.18
CA MET B 48 7.63 -3.56 -1.03
C MET B 48 8.22 -4.95 -1.18
N ARG B 49 8.08 -5.56 -2.37
CA ARG B 49 8.53 -6.93 -2.56
C ARG B 49 10.05 -7.05 -2.50
N THR B 50 10.79 -5.99 -2.80
CA THR B 50 12.23 -6.00 -2.73
C THR B 50 12.73 -5.39 -1.42
N ASN B 51 11.84 -5.27 -0.43
CA ASN B 51 12.16 -4.84 0.93
C ASN B 51 12.59 -3.37 1.01
N LYS B 52 11.89 -2.49 0.29
CA LYS B 52 12.15 -1.05 0.34
C LYS B 52 10.90 -0.37 0.90
N LEU B 53 11.07 0.39 1.97
CA LEU B 53 10.07 1.36 2.39
C LEU B 53 10.26 2.63 1.58
N PHE B 54 9.18 3.40 1.42
CA PHE B 54 9.24 4.54 0.53
C PHE B 54 8.17 5.55 0.92
N HIS B 55 8.36 6.77 0.43
CA HIS B 55 7.44 7.88 0.65
C HIS B 55 6.92 8.32 -0.72
N LEU B 56 5.61 8.19 -0.92
CA LEU B 56 4.99 8.48 -2.20
C LEU B 56 4.30 9.84 -2.16
N THR B 57 4.55 10.66 -3.17
CA THR B 57 3.97 11.98 -3.32
C THR B 57 3.40 12.10 -4.74
N VAL B 58 2.25 12.75 -4.86
CA VAL B 58 1.52 12.92 -6.12
C VAL B 58 1.52 14.42 -6.42
N VAL B 59 2.04 14.81 -7.59
CA VAL B 59 2.04 16.21 -8.00
C VAL B 59 1.32 16.35 -9.34
N GLU B 60 0.64 17.48 -9.53
CA GLU B 60 -0.02 17.73 -10.80
C GLU B 60 1.01 18.07 -11.89
N HIS B 61 1.98 18.92 -11.57
CA HIS B 61 3.05 19.21 -12.50
C HIS B 61 4.35 19.42 -11.74
N LEU B 62 5.44 19.01 -12.37
CA LEU B 62 6.78 19.12 -11.77
C LEU B 62 7.39 20.49 -12.07
N SER B 63 6.85 21.51 -11.39
CA SER B 63 7.29 22.88 -11.60
C SER B 63 8.69 23.10 -11.06
N LYS B 64 9.26 24.26 -11.39
CA LYS B 64 10.53 24.66 -10.81
C LYS B 64 10.42 24.75 -9.30
N GLU B 65 9.27 25.23 -8.79
CA GLU B 65 9.06 25.32 -7.36
C GLU B 65 9.16 23.96 -6.68
N VAL B 66 8.36 22.99 -7.12
CA VAL B 66 8.31 21.70 -6.43
C VAL B 66 9.65 21.00 -6.47
N ILE B 67 10.42 21.14 -7.58
CA ILE B 67 11.75 20.56 -7.63
C ILE B 67 12.70 21.23 -6.64
N GLU B 68 12.46 22.51 -6.33
CA GLU B 68 13.31 23.21 -5.36
C GLU B 68 13.00 22.79 -3.93
N LYS B 69 11.73 22.82 -3.54
CA LYS B 69 11.29 21.89 -2.52
C LYS B 69 11.73 20.48 -2.96
N LEU B 70 11.68 19.51 -2.06
CA LEU B 70 12.23 18.19 -2.42
C LEU B 70 13.76 18.25 -2.45
N ALA B 71 14.31 19.26 -3.13
CA ALA B 71 15.76 19.46 -3.03
C ALA B 71 16.16 19.84 -1.62
N LYS B 72 15.24 20.48 -0.88
CA LYS B 72 15.47 20.71 0.54
C LYS B 72 15.54 19.42 1.34
N GLU B 73 14.77 18.40 0.94
CA GLU B 73 14.88 17.08 1.57
C GLU B 73 16.24 16.44 1.32
N ASN B 74 16.96 16.90 0.30
CA ASN B 74 18.23 16.28 -0.11
C ASN B 74 19.38 16.58 0.84
N GLU B 75 19.30 17.66 1.61
CA GLU B 75 20.48 18.20 2.29
C GLU B 75 21.07 17.20 3.27
N VAL B 76 20.22 16.58 4.10
CA VAL B 76 20.65 15.47 4.93
C VAL B 76 19.78 14.27 4.59
N ASN B 77 20.41 13.10 4.52
CA ASN B 77 19.83 11.91 3.92
C ASN B 77 19.49 12.18 2.46
N LYS B 78 20.44 11.94 1.55
CA LYS B 78 20.17 12.08 0.12
C LYS B 78 19.37 10.87 -0.34
N PRO B 79 18.06 10.98 -0.47
CA PRO B 79 17.26 9.82 -0.84
C PRO B 79 17.40 9.53 -2.33
N LEU B 80 16.95 8.33 -2.70
CA LEU B 80 16.78 7.93 -4.08
C LEU B 80 15.40 8.37 -4.56
N PHE B 81 15.35 9.18 -5.61
CA PHE B 81 14.13 9.68 -6.21
C PHE B 81 13.77 8.84 -7.43
N ILE B 82 12.53 8.37 -7.48
CA ILE B 82 11.98 7.69 -8.65
C ILE B 82 10.84 8.57 -9.16
N PHE B 83 11.02 9.12 -10.34
CA PHE B 83 10.02 9.97 -10.98
C PHE B 83 9.25 9.10 -11.96
N ALA B 84 7.92 9.18 -11.91
CA ALA B 84 7.07 8.44 -12.84
C ALA B 84 6.20 9.41 -13.62
N ASP B 85 6.14 9.23 -14.93
CA ASP B 85 5.28 10.01 -15.82
C ASP B 85 5.70 11.46 -15.87
N MET B 86 6.91 11.74 -15.41
CA MET B 86 7.44 13.10 -15.34
C MET B 86 8.94 12.96 -15.12
N GLY B 87 9.63 14.08 -15.24
CA GLY B 87 11.06 14.09 -15.00
C GLY B 87 11.90 14.29 -16.24
N SER B 88 11.49 13.69 -17.37
CA SER B 88 12.29 13.85 -18.59
C SER B 88 12.30 15.29 -19.05
N GLY B 89 11.16 15.97 -19.01
CA GLY B 89 11.13 17.37 -19.44
C GLY B 89 11.77 18.32 -18.47
N GLN B 90 11.98 17.89 -17.23
CA GLN B 90 12.53 18.73 -16.17
C GLN B 90 13.94 18.30 -15.78
N ILE B 91 14.61 17.54 -16.64
CA ILE B 91 15.85 16.86 -16.24
C ILE B 91 16.97 17.85 -15.95
N GLU B 92 16.99 19.00 -16.65
CA GLU B 92 18.02 20.00 -16.40
C GLU B 92 18.01 20.46 -14.95
N GLU B 93 16.83 20.82 -14.44
CA GLU B 93 16.71 21.18 -13.03
C GLU B 93 17.09 20.02 -12.11
N ILE B 94 16.84 18.79 -12.53
CA ILE B 94 17.13 17.63 -11.69
C ILE B 94 18.64 17.38 -11.62
N ILE B 95 19.33 17.51 -12.75
CA ILE B 95 20.78 17.48 -12.76
C ILE B 95 21.34 18.64 -11.94
N LYS B 96 20.75 19.83 -12.11
CA LYS B 96 21.25 21.04 -11.44
C LYS B 96 21.34 20.84 -9.93
N HIS B 97 20.36 20.16 -9.32
CA HIS B 97 20.44 19.91 -7.88
C HIS B 97 21.12 18.59 -7.53
N ASN B 98 21.62 17.86 -8.53
CA ASN B 98 22.40 16.64 -8.29
C ASN B 98 21.63 15.58 -7.48
N PHE B 99 20.35 15.39 -7.83
CA PHE B 99 19.55 14.30 -7.30
C PHE B 99 20.19 12.94 -7.56
N ASN B 100 20.00 12.02 -6.62
CA ASN B 100 20.12 10.60 -6.92
C ASN B 100 18.75 10.15 -7.44
N ALA B 101 18.63 9.86 -8.75
CA ALA B 101 17.31 9.77 -9.37
C ALA B 101 17.18 8.71 -10.46
N ILE B 102 16.01 8.08 -10.49
CA ILE B 102 15.57 7.24 -11.59
C ILE B 102 14.33 7.90 -12.20
N ILE B 103 14.36 8.10 -13.51
CA ILE B 103 13.29 8.81 -14.22
C ILE B 103 12.64 7.83 -15.19
N LEU B 104 11.35 7.58 -14.98
CA LEU B 104 10.56 6.60 -15.71
C LEU B 104 9.49 7.41 -16.41
N ASP B 105 9.72 7.78 -17.66
CA ASP B 105 8.88 8.79 -18.29
C ASP B 105 8.75 8.52 -19.78
N HIS B 106 7.54 8.69 -20.29
CA HIS B 106 7.25 8.46 -21.69
C HIS B 106 7.08 9.74 -22.49
N HIS B 107 7.23 10.90 -21.88
CA HIS B 107 7.13 12.17 -22.59
C HIS B 107 8.40 12.42 -23.40
N PRO B 108 8.32 13.27 -24.42
CA PRO B 108 9.51 13.56 -25.23
C PRO B 108 10.64 14.06 -24.34
N PRO B 109 11.83 13.48 -24.51
CA PRO B 109 12.97 13.86 -23.64
C PRO B 109 13.72 15.09 -24.14
N VAL B 110 14.28 15.80 -23.17
CA VAL B 110 15.19 16.91 -23.42
C VAL B 110 16.60 16.40 -23.67
N ILE B 111 17.05 15.39 -22.92
CA ILE B 111 18.39 14.81 -23.05
C ILE B 111 18.18 13.35 -23.43
N LYS B 112 18.58 12.99 -24.64
CA LYS B 112 18.31 11.64 -25.15
C LYS B 112 19.45 10.68 -24.81
N ASP B 113 19.64 10.48 -23.51
CA ASP B 113 20.60 9.53 -22.96
C ASP B 113 19.95 8.78 -21.80
N SER B 114 20.18 7.47 -21.75
CA SER B 114 19.67 6.70 -20.63
C SER B 114 20.50 6.92 -19.37
N PHE B 115 21.81 7.09 -19.54
CA PHE B 115 22.75 7.29 -18.44
C PHE B 115 23.22 8.73 -18.50
N ILE B 116 22.77 9.53 -17.53
CA ILE B 116 22.99 10.97 -17.56
C ILE B 116 24.33 11.33 -16.91
N ASN B 117 24.59 10.84 -15.71
CA ASN B 117 25.90 11.02 -15.10
C ASN B 117 26.20 9.78 -14.26
N GLU B 118 26.79 9.95 -13.07
CA GLU B 118 26.96 8.79 -12.21
C GLU B 118 25.72 8.49 -11.38
N ASN B 119 24.76 9.42 -11.31
CA ASN B 119 23.68 9.37 -10.32
C ASN B 119 22.28 9.28 -10.89
N ILE B 120 22.10 9.45 -12.20
CA ILE B 120 20.77 9.57 -12.78
C ILE B 120 20.63 8.56 -13.89
N ILE B 121 19.60 7.69 -13.79
CA ILE B 121 19.19 6.84 -14.90
C ILE B 121 17.83 7.30 -15.43
N GLN B 122 17.74 7.44 -16.75
CA GLN B 122 16.51 7.83 -17.42
C GLN B 122 16.06 6.68 -18.29
N LEU B 123 14.83 6.21 -18.06
CA LEU B 123 14.19 5.17 -18.88
C LEU B 123 13.07 5.87 -19.64
N ASN B 124 13.33 6.15 -20.91
CA ASN B 124 12.38 6.87 -21.73
C ASN B 124 12.33 6.20 -23.10
N PRO B 125 11.14 5.75 -23.51
CA PRO B 125 11.02 5.01 -24.78
C PRO B 125 11.45 5.77 -26.00
N HIS B 126 11.43 7.10 -25.97
CA HIS B 126 11.84 7.83 -27.16
C HIS B 126 13.32 7.60 -27.47
N ILE B 127 14.14 7.39 -26.44
CA ILE B 127 15.55 7.08 -26.63
C ILE B 127 15.74 5.77 -27.40
N PHE B 128 14.74 4.88 -27.41
CA PHE B 128 14.81 3.64 -28.15
C PHE B 128 13.97 3.66 -29.42
N GLY B 129 13.51 4.83 -29.84
CA GLY B 129 12.71 4.88 -31.05
C GLY B 129 11.27 4.47 -30.88
N VAL B 130 10.75 4.48 -29.65
CA VAL B 130 9.38 4.11 -29.35
C VAL B 130 8.59 5.37 -29.00
N ASP B 131 7.45 5.55 -29.64
CA ASP B 131 6.64 6.75 -29.48
C ASP B 131 5.86 6.66 -28.17
N GLY B 132 6.26 7.47 -27.19
CA GLY B 132 5.57 7.52 -25.91
C GLY B 132 4.12 7.95 -25.97
N SER B 133 3.65 8.47 -27.11
CA SER B 133 2.27 8.91 -27.17
C SER B 133 1.34 7.85 -27.75
N ARG B 134 1.87 6.74 -28.27
CA ARG B 134 1.01 5.72 -28.88
C ARG B 134 1.45 4.28 -28.61
N GLU B 135 2.68 4.02 -28.19
CA GLU B 135 3.17 2.66 -28.06
C GLU B 135 3.48 2.24 -26.63
N ILE B 136 3.53 3.18 -25.68
CA ILE B 136 3.75 2.82 -24.28
C ILE B 136 3.34 4.00 -23.41
N THR B 137 2.89 3.70 -22.20
CA THR B 137 2.52 4.71 -21.22
C THR B 137 3.50 4.66 -20.06
N ALA B 138 3.30 5.59 -19.11
CA ALA B 138 4.16 5.63 -17.94
C ALA B 138 4.04 4.35 -17.12
N SER B 139 2.82 3.83 -16.95
CA SER B 139 2.73 2.61 -16.16
C SER B 139 3.35 1.44 -16.91
N GLY B 140 3.43 1.51 -18.24
CA GLY B 140 4.14 0.47 -18.97
C GLY B 140 5.64 0.56 -18.75
N VAL B 141 6.18 1.77 -18.74
CA VAL B 141 7.60 1.95 -18.40
C VAL B 141 7.90 1.36 -17.02
N CYS B 142 7.08 1.68 -16.01
CA CYS B 142 7.29 1.06 -14.69
C CYS B 142 7.19 -0.45 -14.78
N TYR B 143 6.22 -0.96 -15.52
CA TYR B 143 6.10 -2.40 -15.66
C TYR B 143 7.38 -3.02 -16.22
N LEU B 144 8.05 -2.32 -17.15
CA LEU B 144 9.28 -2.86 -17.73
C LEU B 144 10.38 -3.02 -16.67
N VAL B 145 10.42 -2.10 -15.72
CA VAL B 145 11.26 -2.28 -14.54
C VAL B 145 10.76 -3.46 -13.71
N ALA B 146 9.47 -3.50 -13.40
CA ALA B 146 8.93 -4.53 -12.53
C ALA B 146 9.21 -5.92 -13.06
N ARG B 147 9.27 -6.09 -14.37
CA ARG B 147 9.41 -7.46 -14.84
C ARG B 147 10.83 -7.97 -14.78
N GLU B 148 11.83 -7.10 -14.53
CA GLU B 148 13.19 -7.56 -14.22
C GLU B 148 13.25 -8.29 -12.90
N PHE B 149 12.27 -8.09 -12.02
CA PHE B 149 12.16 -8.90 -10.81
C PHE B 149 11.22 -10.08 -10.99
N GLY B 150 10.68 -10.29 -12.19
CA GLY B 150 9.71 -11.36 -12.38
C GLY B 150 8.31 -11.11 -11.84
N TYR B 151 7.94 -9.85 -11.61
CA TYR B 151 6.61 -9.50 -11.10
C TYR B 151 5.61 -9.32 -12.25
N TYR B 152 5.33 -10.42 -12.96
CA TYR B 152 4.44 -10.36 -14.12
C TYR B 152 3.00 -10.02 -13.73
N ASP B 153 2.61 -10.27 -12.48
CA ASP B 153 1.25 -9.97 -12.04
C ASP B 153 0.96 -8.47 -12.06
N LEU B 154 1.99 -7.63 -12.07
CA LEU B 154 1.77 -6.20 -12.11
C LEU B 154 1.43 -5.70 -13.51
N SER B 155 1.49 -6.57 -14.51
CA SER B 155 1.06 -6.17 -15.84
C SER B 155 -0.39 -5.69 -15.88
N VAL B 156 -1.23 -6.11 -14.92
CA VAL B 156 -2.63 -5.66 -14.93
C VAL B 156 -2.72 -4.17 -14.67
N LEU B 157 -1.77 -3.59 -13.93
CA LEU B 157 -1.81 -2.14 -13.73
C LEU B 157 -1.28 -1.39 -14.92
N ALA B 158 -0.35 -1.98 -15.69
CA ALA B 158 0.03 -1.35 -16.95
C ALA B 158 -1.15 -1.31 -17.92
N ILE B 159 -1.96 -2.37 -17.95
CA ILE B 159 -3.11 -2.33 -18.84
C ILE B 159 -4.04 -1.19 -18.44
N VAL B 160 -4.22 -0.99 -17.14
CA VAL B 160 -5.03 0.13 -16.69
C VAL B 160 -4.48 1.45 -17.20
N GLY B 161 -3.15 1.64 -17.08
CA GLY B 161 -2.55 2.84 -17.61
C GLY B 161 -2.74 2.98 -19.10
N ILE B 162 -2.68 1.86 -19.83
CA ILE B 162 -2.86 1.88 -21.28
C ILE B 162 -4.24 2.42 -21.62
N ILE B 163 -5.26 2.01 -20.87
CA ILE B 163 -6.61 2.52 -21.07
C ILE B 163 -6.68 3.99 -20.67
N GLY B 164 -6.24 4.31 -19.46
CA GLY B 164 -6.35 5.67 -18.97
C GLY B 164 -5.69 6.70 -19.87
N ASP B 165 -4.60 6.33 -20.54
CA ASP B 165 -3.88 7.24 -21.42
C ASP B 165 -4.33 7.14 -22.88
N MET B 166 -5.39 6.38 -23.16
CA MET B 166 -6.02 6.33 -24.48
C MET B 166 -5.12 5.71 -25.55
N GLN B 167 -4.33 4.71 -25.18
CA GLN B 167 -3.49 4.01 -26.16
C GLN B 167 -3.98 2.59 -26.44
N TYR B 168 -5.25 2.30 -26.20
CA TYR B 168 -5.73 0.94 -26.35
C TYR B 168 -6.30 0.63 -27.73
N ASN B 169 -6.57 1.63 -28.54
CA ASN B 169 -7.22 1.41 -29.83
C ASN B 169 -6.65 2.41 -30.83
N PRO B 170 -5.66 2.00 -31.65
CA PRO B 170 -5.13 0.63 -31.71
C PRO B 170 -4.08 0.36 -30.63
N LEU B 171 -3.82 -0.92 -30.41
CA LEU B 171 -2.83 -1.41 -29.46
C LEU B 171 -1.53 -1.66 -30.20
N LEU B 172 -0.50 -0.86 -29.91
CA LEU B 172 0.73 -0.82 -30.70
C LEU B 172 1.97 -1.13 -29.87
N GLY B 173 2.95 -1.74 -30.53
CA GLY B 173 4.32 -1.77 -30.02
C GLY B 173 4.43 -2.41 -28.66
N LEU B 174 5.08 -1.70 -27.73
CA LEU B 174 5.30 -2.25 -26.40
C LEU B 174 3.99 -2.52 -25.67
N ASN B 175 3.00 -1.64 -25.84
CA ASN B 175 1.68 -1.88 -25.23
C ASN B 175 1.14 -3.24 -25.64
N LYS B 176 1.25 -3.58 -26.93
CA LYS B 176 0.78 -4.87 -27.41
C LYS B 176 1.61 -6.01 -26.85
N PHE B 177 2.91 -5.78 -26.65
CA PHE B 177 3.73 -6.82 -26.03
C PHE B 177 3.33 -7.01 -24.57
N ILE B 178 3.02 -5.94 -23.86
CA ILE B 178 2.65 -6.04 -22.44
C ILE B 178 1.33 -6.80 -22.30
N VAL B 179 0.34 -6.46 -23.13
CA VAL B 179 -0.94 -7.16 -23.06
C VAL B 179 -0.75 -8.64 -23.36
N ASN B 180 0.01 -8.94 -24.41
CA ASN B 180 0.23 -10.33 -24.79
C ASN B 180 0.98 -11.09 -23.70
N GLU B 181 1.92 -10.43 -23.03
CA GLU B 181 2.57 -11.08 -21.90
C GLU B 181 1.57 -11.36 -20.79
N ALA B 182 0.74 -10.36 -20.45
CA ALA B 182 -0.26 -10.55 -19.40
C ALA B 182 -1.20 -11.70 -19.73
N ARG B 183 -1.59 -11.81 -21.00
CA ARG B 183 -2.48 -12.91 -21.38
C ARG B 183 -1.75 -14.25 -21.33
N GLU B 184 -0.49 -14.29 -21.76
CA GLU B 184 0.30 -15.52 -21.67
C GLU B 184 0.34 -16.05 -20.23
N TYR B 185 0.57 -15.17 -19.25
CA TYR B 185 0.65 -15.59 -17.87
C TYR B 185 -0.71 -15.65 -17.20
N ARG B 186 -1.79 -15.41 -17.95
CA ARG B 186 -3.16 -15.54 -17.47
C ARG B 186 -3.51 -14.49 -16.42
N TYR B 187 -2.97 -13.29 -16.55
CA TYR B 187 -3.41 -12.18 -15.71
C TYR B 187 -4.51 -11.35 -16.37
N VAL B 188 -4.79 -11.59 -17.65
CA VAL B 188 -5.84 -10.88 -18.37
C VAL B 188 -6.49 -11.84 -19.37
N LYS B 189 -7.79 -11.70 -19.55
CA LYS B 189 -8.52 -12.33 -20.64
C LYS B 189 -9.14 -11.22 -21.49
N ILE B 190 -9.16 -11.42 -22.80
CA ILE B 190 -9.58 -10.41 -23.76
C ILE B 190 -10.86 -10.91 -24.44
N MET B 191 -11.86 -10.04 -24.53
CA MET B 191 -13.19 -10.44 -24.97
C MET B 191 -13.85 -9.25 -25.64
N ASN B 192 -14.16 -9.35 -26.94
CA ASN B 192 -14.93 -8.29 -27.60
C ASN B 192 -16.34 -8.26 -27.01
N ASP B 193 -16.81 -7.05 -26.68
CA ASP B 193 -18.05 -6.86 -25.96
C ASP B 193 -18.53 -5.43 -26.20
N ILE B 194 -19.73 -5.16 -25.72
CA ILE B 194 -20.31 -3.82 -25.80
C ILE B 194 -19.86 -3.02 -24.58
N VAL B 195 -19.67 -1.71 -24.79
CA VAL B 195 -19.09 -0.88 -23.75
C VAL B 195 -19.95 -0.86 -22.50
N TYR B 196 -21.28 -1.01 -22.64
CA TYR B 196 -22.15 -0.92 -21.47
C TYR B 196 -21.93 -2.05 -20.49
N ASN B 197 -21.36 -3.18 -20.92
CA ASN B 197 -21.16 -4.33 -20.03
C ASN B 197 -19.95 -4.20 -19.12
N ILE B 198 -19.16 -3.13 -19.21
CA ILE B 198 -18.02 -3.02 -18.29
C ILE B 198 -18.41 -2.54 -16.90
N TYR B 199 -19.61 -1.97 -16.71
CA TYR B 199 -19.92 -1.29 -15.44
C TYR B 199 -20.47 -2.21 -14.37
N ASP B 200 -21.02 -3.36 -14.72
CA ASP B 200 -21.70 -4.23 -13.75
C ASP B 200 -22.75 -3.45 -12.93
N VAL B 201 -23.52 -2.60 -13.59
CA VAL B 201 -24.72 -2.01 -12.98
C VAL B 201 -25.90 -2.27 -13.91
N GLU B 202 -27.08 -1.89 -13.45
CA GLU B 202 -28.26 -1.96 -14.29
C GLU B 202 -27.98 -1.24 -15.61
N ILE B 203 -28.28 -1.92 -16.72
CA ILE B 203 -27.87 -1.41 -18.03
C ILE B 203 -28.46 -0.03 -18.31
N TYR B 204 -29.66 0.26 -17.81
CA TYR B 204 -30.21 1.59 -18.09
C TYR B 204 -29.39 2.67 -17.38
N LYS B 205 -28.75 2.33 -16.27
CA LYS B 205 -27.83 3.28 -15.65
C LYS B 205 -26.51 3.38 -16.43
N ALA B 206 -25.99 2.25 -16.87
CA ALA B 206 -24.75 2.26 -17.68
C ALA B 206 -24.93 3.12 -18.93
N ILE B 207 -26.05 2.93 -19.62
CA ILE B 207 -26.35 3.77 -20.79
C ILE B 207 -26.53 5.22 -20.37
N ALA B 208 -27.28 5.45 -19.28
CA ALA B 208 -27.63 6.82 -18.92
C ALA B 208 -26.39 7.68 -18.65
N TYR B 209 -25.36 7.12 -18.01
CA TYR B 209 -24.21 7.93 -17.61
C TYR B 209 -22.96 7.64 -18.43
N CYS B 210 -23.10 6.99 -19.57
CA CYS B 210 -21.96 6.72 -20.42
C CYS B 210 -21.51 7.97 -21.15
N THR B 211 -20.19 8.21 -21.18
CA THR B 211 -19.65 9.30 -21.98
C THR B 211 -18.68 8.80 -23.05
N LYS B 212 -18.58 7.50 -23.27
CA LYS B 212 -17.70 6.92 -24.28
C LYS B 212 -18.48 5.81 -24.99
N PRO B 213 -19.36 6.17 -25.91
CA PRO B 213 -19.73 7.52 -26.33
C PRO B 213 -20.88 8.14 -25.52
N TYR B 214 -20.93 9.46 -25.54
CA TYR B 214 -22.06 10.22 -25.02
C TYR B 214 -23.17 10.23 -26.07
N ILE B 215 -24.36 9.75 -25.70
CA ILE B 215 -25.51 9.80 -26.57
C ILE B 215 -26.58 10.67 -25.91
N PRO B 216 -26.69 11.94 -26.33
CA PRO B 216 -27.60 12.89 -25.66
C PRO B 216 -29.02 12.38 -25.47
N ASP B 217 -29.61 11.77 -26.49
CA ASP B 217 -30.98 11.28 -26.41
C ASP B 217 -31.18 10.15 -25.41
N LEU B 218 -30.10 9.57 -24.89
CA LEU B 218 -30.23 8.48 -23.93
C LEU B 218 -29.66 8.82 -22.57
N ALA B 219 -29.19 10.05 -22.39
CA ALA B 219 -28.41 10.42 -21.22
C ALA B 219 -29.29 10.74 -20.02
N SER B 220 -30.25 9.88 -19.73
CA SER B 220 -30.96 9.99 -18.47
C SER B 220 -31.55 8.62 -18.19
N GLU B 221 -31.75 8.33 -16.91
CA GLU B 221 -32.29 7.03 -16.54
C GLU B 221 -33.66 6.82 -17.16
N GLY B 222 -34.50 7.87 -17.17
CA GLY B 222 -35.82 7.73 -17.77
C GLY B 222 -35.76 7.35 -19.24
N LYS B 223 -35.01 8.11 -20.03
CA LYS B 223 -34.92 7.84 -21.47
C LYS B 223 -34.24 6.50 -21.74
N ALA B 224 -33.22 6.16 -20.94
CA ALA B 224 -32.54 4.88 -21.15
C ALA B 224 -33.45 3.71 -20.80
N PHE B 225 -34.15 3.80 -19.66
CA PHE B 225 -35.10 2.76 -19.27
C PHE B 225 -36.12 2.52 -20.37
N LYS B 226 -36.68 3.61 -20.90
CA LYS B 226 -37.77 3.52 -21.86
C LYS B 226 -37.30 2.94 -23.19
N PHE B 227 -36.13 3.38 -23.65
CA PHE B 227 -35.55 2.85 -24.88
C PHE B 227 -35.35 1.34 -24.75
N LEU B 228 -34.80 0.90 -23.62
CA LEU B 228 -34.59 -0.53 -23.41
C LEU B 228 -35.91 -1.28 -23.33
N LYS B 229 -36.86 -0.76 -22.54
CA LYS B 229 -38.17 -1.43 -22.45
C LYS B 229 -38.76 -1.62 -23.83
N ASP B 230 -38.69 -0.58 -24.67
CA ASP B 230 -39.22 -0.62 -26.03
C ASP B 230 -38.68 -1.78 -26.85
N ILE B 231 -37.37 -2.02 -26.82
CA ILE B 231 -36.81 -3.04 -27.69
C ILE B 231 -36.79 -4.39 -26.97
N GLY B 232 -37.52 -4.50 -25.85
CA GLY B 232 -37.69 -5.78 -25.21
C GLY B 232 -36.52 -6.29 -24.41
N ILE B 233 -35.73 -5.38 -23.84
CA ILE B 233 -34.61 -5.74 -22.98
C ILE B 233 -34.98 -5.35 -21.55
N ASP B 234 -34.74 -6.25 -20.61
CA ASP B 234 -34.95 -5.97 -19.20
C ASP B 234 -33.97 -4.90 -18.76
N PRO B 235 -34.43 -3.70 -18.37
CA PRO B 235 -33.47 -2.63 -18.07
C PRO B 235 -32.67 -2.86 -16.80
N ASN B 236 -33.10 -3.76 -15.93
CA ASN B 236 -32.41 -3.95 -14.65
C ASN B 236 -31.32 -5.00 -14.70
N LYS B 237 -31.26 -5.84 -15.73
CA LYS B 237 -30.16 -6.78 -15.78
C LYS B 237 -28.84 -6.03 -15.90
N LYS B 238 -27.77 -6.69 -15.48
CA LYS B 238 -26.48 -6.04 -15.36
C LYS B 238 -25.52 -6.40 -16.47
N GLN B 239 -25.88 -7.36 -17.31
CA GLN B 239 -25.06 -7.72 -18.45
C GLN B 239 -25.97 -7.99 -19.63
N LEU B 240 -25.69 -7.35 -20.76
CA LEU B 240 -26.37 -7.65 -22.00
C LEU B 240 -25.78 -8.91 -22.62
N ASP B 241 -26.64 -9.86 -22.98
CA ASP B 241 -26.19 -11.04 -23.70
C ASP B 241 -26.21 -10.78 -25.20
N ASP B 242 -25.87 -11.80 -25.98
CA ASP B 242 -25.68 -11.63 -27.42
C ASP B 242 -26.97 -11.20 -28.11
N THR B 243 -28.11 -11.76 -27.70
CA THR B 243 -29.37 -11.35 -28.33
C THR B 243 -29.71 -9.91 -27.96
N ASP B 244 -29.52 -9.54 -26.68
CA ASP B 244 -29.74 -8.16 -26.26
C ASP B 244 -28.88 -7.18 -27.06
N LYS B 245 -27.61 -7.54 -27.32
CA LYS B 245 -26.69 -6.63 -27.99
C LYS B 245 -27.10 -6.40 -29.44
N LYS B 246 -27.45 -7.47 -30.15
CA LYS B 246 -27.98 -7.29 -31.50
C LYS B 246 -29.20 -6.36 -31.50
N LYS B 247 -30.14 -6.62 -30.61
CA LYS B 247 -31.34 -5.77 -30.56
C LYS B 247 -30.97 -4.34 -30.20
N LEU B 248 -30.05 -4.16 -29.23
CA LEU B 248 -29.66 -2.81 -28.84
C LEU B 248 -28.96 -2.09 -29.99
N LEU B 249 -28.00 -2.77 -30.64
CA LEU B 249 -27.24 -2.09 -31.68
C LEU B 249 -28.12 -1.78 -32.88
N SER B 250 -29.01 -2.71 -33.23
CA SER B 250 -29.97 -2.45 -34.30
C SER B 250 -30.78 -1.19 -34.02
N ALA B 251 -31.28 -1.05 -32.80
CA ALA B 251 -32.11 0.12 -32.49
C ALA B 251 -31.27 1.37 -32.39
N ILE B 252 -30.08 1.27 -31.79
CA ILE B 252 -29.38 2.49 -31.39
C ILE B 252 -28.74 3.22 -32.56
N ILE B 253 -28.42 2.52 -33.65
CA ILE B 253 -27.78 3.17 -34.80
C ILE B 253 -28.58 4.38 -35.27
N PHE B 254 -29.90 4.36 -35.09
CA PHE B 254 -30.70 5.51 -35.51
C PHE B 254 -30.46 6.72 -34.61
N LYS B 255 -30.12 6.52 -33.34
CA LYS B 255 -29.79 7.64 -32.47
C LYS B 255 -28.31 8.01 -32.55
N TYR B 256 -27.42 7.02 -32.63
CA TYR B 256 -25.99 7.23 -32.71
C TYR B 256 -25.47 6.33 -33.83
N PRO B 257 -25.12 6.89 -35.00
CA PRO B 257 -24.86 6.01 -36.16
C PRO B 257 -23.48 5.37 -36.21
N LYS B 258 -22.49 5.89 -35.48
CA LYS B 258 -21.15 5.30 -35.50
C LYS B 258 -21.05 4.19 -34.45
N ILE B 259 -21.84 3.14 -34.64
CA ILE B 259 -22.00 2.15 -33.58
C ILE B 259 -20.75 1.30 -33.36
N GLU B 260 -19.73 1.43 -34.21
CA GLU B 260 -18.47 0.74 -33.93
C GLU B 260 -17.85 1.25 -32.65
N ASN B 261 -18.10 2.51 -32.29
CA ASN B 261 -17.59 3.09 -31.04
C ASN B 261 -18.19 2.45 -29.80
N LEU B 262 -19.19 1.58 -29.93
CA LEU B 262 -19.82 0.94 -28.77
C LEU B 262 -19.20 -0.42 -28.48
N LEU B 263 -18.41 -0.96 -29.41
CA LEU B 263 -17.78 -2.26 -29.29
C LEU B 263 -16.32 -2.09 -28.88
N ILE B 264 -15.88 -2.87 -27.89
CA ILE B 264 -14.53 -2.78 -27.39
C ILE B 264 -13.98 -4.18 -27.14
N ASP B 265 -12.66 -4.27 -27.15
CA ASP B 265 -12.02 -5.42 -26.50
C ASP B 265 -12.01 -5.14 -25.01
N ARG B 266 -12.77 -5.93 -24.25
CA ARG B 266 -12.75 -5.87 -22.79
C ARG B 266 -11.53 -6.61 -22.25
N TYR B 267 -10.91 -6.01 -21.22
CA TYR B 267 -9.80 -6.64 -20.49
C TYR B 267 -10.26 -7.04 -19.10
N LEU B 268 -10.36 -8.35 -18.86
CA LEU B 268 -10.70 -8.89 -17.54
C LEU B 268 -9.41 -9.27 -16.83
N ILE B 269 -9.07 -8.52 -15.79
CA ILE B 269 -7.76 -8.61 -15.19
C ILE B 269 -7.86 -9.35 -13.85
N GLU B 270 -6.73 -9.88 -13.40
CA GLU B 270 -6.63 -10.48 -12.07
C GLU B 270 -6.43 -9.34 -11.06
N HIS B 271 -7.55 -8.81 -10.59
CA HIS B 271 -7.62 -7.69 -9.66
C HIS B 271 -9.04 -7.70 -9.11
N LYS B 272 -9.20 -7.24 -7.86
CA LYS B 272 -10.54 -7.19 -7.27
C LYS B 272 -11.53 -6.42 -8.14
N VAL B 273 -11.08 -5.39 -8.86
CA VAL B 273 -11.90 -4.72 -9.87
C VAL B 273 -11.53 -5.40 -11.19
N ARG B 274 -12.35 -6.39 -11.58
CA ARG B 274 -11.93 -7.31 -12.62
C ARG B 274 -11.97 -6.67 -14.00
N ASP B 275 -12.74 -5.61 -14.22
CA ASP B 275 -12.76 -4.92 -15.50
C ASP B 275 -11.74 -3.80 -15.50
N ALA B 276 -10.75 -3.89 -16.38
CA ALA B 276 -9.75 -2.83 -16.44
C ALA B 276 -10.33 -1.49 -16.86
N PHE B 277 -11.34 -1.48 -17.74
CA PHE B 277 -11.93 -0.19 -18.13
C PHE B 277 -12.60 0.47 -16.93
N LEU B 278 -13.20 -0.32 -16.04
CA LEU B 278 -13.86 0.22 -14.85
C LEU B 278 -12.84 0.74 -13.86
N LEU B 279 -11.77 -0.03 -13.62
CA LEU B 279 -10.70 0.41 -12.72
C LEU B 279 -10.05 1.70 -13.23
N SER B 280 -9.87 1.80 -14.55
CA SER B 280 -9.36 3.02 -15.15
C SER B 280 -10.29 4.21 -14.88
N GLU B 281 -11.59 4.06 -15.15
CA GLU B 281 -12.52 5.17 -14.86
C GLU B 281 -12.55 5.50 -13.36
N MET B 282 -12.50 4.49 -12.51
CA MET B 282 -12.46 4.70 -11.06
C MET B 282 -11.23 5.49 -10.64
N LEU B 283 -10.06 5.08 -11.10
CA LEU B 283 -8.84 5.81 -10.76
C LEU B 283 -8.94 7.25 -11.25
N ASN B 284 -9.47 7.45 -12.46
CA ASN B 284 -9.65 8.80 -12.98
C ASN B 284 -10.55 9.64 -12.07
N ALA B 285 -11.74 9.12 -11.74
CA ALA B 285 -12.66 9.88 -10.88
C ALA B 285 -12.03 10.20 -9.52
N VAL B 286 -11.32 9.24 -8.95
CA VAL B 286 -10.69 9.43 -7.64
C VAL B 286 -9.57 10.44 -7.72
N GLY B 287 -8.77 10.40 -8.78
CA GLY B 287 -7.71 11.38 -8.94
C GLY B 287 -8.23 12.80 -9.19
N ARG B 288 -9.32 12.91 -9.97
CA ARG B 288 -9.89 14.24 -10.17
C ARG B 288 -10.50 14.80 -8.89
N ASN B 289 -10.81 13.96 -7.90
CA ASN B 289 -11.32 14.47 -6.64
C ASN B 289 -10.25 14.67 -5.59
N GLY B 290 -8.97 14.58 -5.95
CA GLY B 290 -7.90 14.72 -4.97
C GLY B 290 -7.70 13.52 -4.05
N LEU B 291 -8.32 12.38 -4.32
CA LEU B 291 -8.21 11.23 -3.42
C LEU B 291 -7.04 10.34 -3.85
N PHE B 292 -5.84 10.90 -3.74
CA PHE B 292 -4.66 10.23 -4.28
C PHE B 292 -4.34 8.97 -3.51
N ALA B 293 -4.23 9.07 -2.18
CA ALA B 293 -3.91 7.91 -1.36
C ALA B 293 -4.99 6.83 -1.46
N VAL B 294 -6.26 7.22 -1.61
CA VAL B 294 -7.30 6.23 -1.86
C VAL B 294 -7.03 5.50 -3.18
N GLY B 295 -6.55 6.24 -4.18
CA GLY B 295 -6.27 5.63 -5.48
C GLY B 295 -5.15 4.60 -5.43
N ILE B 296 -4.08 4.89 -4.67
CA ILE B 296 -3.05 3.88 -4.41
C ILE B 296 -3.66 2.67 -3.70
N GLY B 297 -4.49 2.93 -2.67
CA GLY B 297 -5.16 1.83 -1.99
C GLY B 297 -5.98 0.96 -2.92
N ILE B 298 -6.61 1.58 -3.93
CA ILE B 298 -7.37 0.77 -4.88
C ILE B 298 -6.44 -0.11 -5.69
N CYS B 299 -5.32 0.44 -6.16
CA CYS B 299 -4.35 -0.39 -6.87
C CYS B 299 -3.86 -1.53 -5.99
N LEU B 300 -3.70 -1.28 -4.69
CA LEU B 300 -3.28 -2.31 -3.76
C LEU B 300 -4.41 -3.18 -3.30
N GLU B 301 -5.61 -3.03 -3.87
CA GLU B 301 -6.74 -3.93 -3.65
C GLU B 301 -7.35 -3.84 -2.25
N ASP B 302 -7.33 -2.67 -1.61
CA ASP B 302 -7.98 -2.54 -0.33
C ASP B 302 -9.49 -2.37 -0.51
N ASP B 303 -10.28 -3.15 0.25
CA ASP B 303 -11.73 -3.21 0.04
C ASP B 303 -12.39 -1.86 0.32
N GLU B 304 -11.93 -1.14 1.33
CA GLU B 304 -12.57 0.13 1.67
C GLU B 304 -12.22 1.21 0.65
N CYS B 305 -10.98 1.22 0.15
CA CYS B 305 -10.62 2.14 -0.91
C CYS B 305 -11.45 1.87 -2.18
N ILE B 306 -11.72 0.58 -2.46
CA ILE B 306 -12.50 0.22 -3.62
C ILE B 306 -13.93 0.66 -3.44
N LYS B 307 -14.43 0.59 -2.20
CA LYS B 307 -15.78 1.05 -1.92
C LYS B 307 -15.88 2.57 -2.09
N ILE B 308 -14.93 3.32 -1.52
CA ILE B 308 -14.87 4.76 -1.79
C ILE B 308 -14.79 5.01 -3.29
N GLY B 309 -13.91 4.28 -3.99
CA GLY B 309 -13.75 4.47 -5.42
C GLY B 309 -15.04 4.28 -6.20
N ASN B 310 -15.82 3.26 -5.85
CA ASN B 310 -17.07 3.03 -6.56
C ASN B 310 -18.07 4.16 -6.30
N GLN B 311 -18.17 4.60 -5.05
CA GLN B 311 -19.03 5.73 -4.74
C GLN B 311 -18.58 7.01 -5.45
N ILE B 312 -17.28 7.29 -5.47
CA ILE B 312 -16.81 8.52 -6.11
C ILE B 312 -16.98 8.46 -7.62
N LEU B 313 -16.81 7.28 -8.23
CA LEU B 313 -16.98 7.15 -9.68
C LEU B 313 -18.39 7.54 -10.10
N TRP B 314 -19.40 6.93 -9.48
CA TRP B 314 -20.76 7.18 -9.89
C TRP B 314 -21.20 8.61 -9.59
N GLU B 315 -20.69 9.22 -8.52
CA GLU B 315 -20.90 10.65 -8.32
C GLU B 315 -20.23 11.46 -9.44
N TYR B 316 -19.03 11.08 -9.84
CA TYR B 316 -18.33 11.84 -10.87
C TYR B 316 -19.05 11.70 -12.22
N LYS B 317 -19.60 10.52 -12.49
CA LYS B 317 -20.30 10.31 -13.75
C LYS B 317 -21.62 11.06 -13.77
N LYS B 318 -22.34 11.08 -12.65
CA LYS B 318 -23.58 11.86 -12.59
C LYS B 318 -23.30 13.34 -12.82
N ASN B 319 -22.29 13.87 -12.14
CA ASN B 319 -22.00 15.28 -12.30
C ASN B 319 -21.52 15.62 -13.71
N LEU B 320 -20.82 14.70 -14.36
CA LEU B 320 -20.33 14.97 -15.70
C LEU B 320 -21.47 15.08 -16.71
N ILE B 321 -22.42 14.15 -16.65
CA ILE B 321 -23.62 14.21 -17.49
C ILE B 321 -24.34 15.54 -17.29
N ASN B 322 -24.51 15.96 -16.04
CA ASN B 322 -25.16 17.24 -15.75
C ASN B 322 -24.40 18.41 -16.38
N GLU B 323 -23.07 18.45 -16.20
CA GLU B 323 -22.30 19.48 -16.88
C GLU B 323 -22.49 19.41 -18.39
N LEU B 324 -22.54 18.21 -18.95
CA LEU B 324 -22.70 18.04 -20.38
C LEU B 324 -24.05 18.57 -20.85
N LYS B 325 -25.12 18.35 -20.06
CA LYS B 325 -26.42 18.88 -20.46
C LYS B 325 -26.48 20.40 -20.34
N SER B 326 -25.62 21.01 -19.54
CA SER B 326 -25.64 22.45 -19.38
C SER B 326 -24.77 23.19 -20.39
N VAL B 327 -24.12 22.50 -21.30
CA VAL B 327 -23.28 23.16 -22.29
C VAL B 327 -24.17 23.78 -23.36
N LYS B 328 -23.92 25.04 -23.67
CA LYS B 328 -24.65 25.74 -24.73
C LYS B 328 -23.81 25.65 -26.01
N LEU B 329 -24.09 24.65 -26.83
CA LEU B 329 -23.24 24.41 -27.98
C LEU B 329 -23.65 25.32 -29.12
N LYS B 330 -22.71 26.15 -29.58
CA LYS B 330 -22.90 27.08 -30.67
C LYS B 330 -22.15 26.59 -31.90
N LYS B 331 -22.75 26.78 -33.08
CA LYS B 331 -22.24 26.18 -34.31
C LYS B 331 -21.80 27.28 -35.27
N LEU B 332 -20.55 27.20 -35.72
CA LEU B 332 -20.07 27.96 -36.87
C LEU B 332 -20.28 27.15 -38.14
N ASN B 333 -19.44 27.34 -39.15
CA ASN B 333 -19.69 26.59 -40.39
C ASN B 333 -19.07 25.20 -40.36
N ASN B 334 -17.85 25.07 -39.86
CA ASN B 334 -17.13 23.81 -39.82
C ASN B 334 -16.83 23.29 -38.41
N ILE B 335 -17.15 24.04 -37.35
CA ILE B 335 -16.85 23.65 -35.97
C ILE B 335 -18.01 23.99 -35.04
N TYR B 336 -18.00 23.37 -33.86
CA TYR B 336 -18.78 23.82 -32.73
C TYR B 336 -17.87 24.46 -31.70
N TYR B 337 -18.45 25.31 -30.85
CA TYR B 337 -17.70 25.90 -29.76
C TYR B 337 -18.63 26.20 -28.58
N PHE B 338 -18.02 26.37 -27.41
CA PHE B 338 -18.79 26.61 -26.19
C PHE B 338 -17.88 27.26 -25.16
N GLU B 339 -18.47 28.11 -24.31
CA GLU B 339 -17.78 28.60 -23.14
C GLU B 339 -18.06 27.68 -21.97
N GLY B 340 -17.02 27.23 -21.29
CA GLY B 340 -17.22 26.34 -20.15
C GLY B 340 -16.28 26.62 -18.99
N LYS B 341 -16.24 25.72 -18.01
CA LYS B 341 -15.44 25.94 -16.82
C LYS B 341 -14.00 25.51 -17.03
N LYS B 342 -13.10 26.24 -16.38
CA LYS B 342 -11.65 26.12 -16.60
C LYS B 342 -11.17 24.67 -16.49
N GLY B 343 -11.69 23.92 -15.53
CA GLY B 343 -11.15 22.59 -15.35
C GLY B 343 -11.63 21.55 -16.34
N MET B 344 -12.69 21.82 -17.08
CA MET B 344 -13.35 20.77 -17.83
C MET B 344 -13.58 21.03 -19.32
N ILE B 345 -13.15 22.17 -19.86
CA ILE B 345 -13.48 22.44 -21.26
C ILE B 345 -12.87 21.38 -22.16
N GLY B 346 -11.66 20.90 -21.83
CA GLY B 346 -11.00 19.89 -22.65
C GLY B 346 -11.67 18.54 -22.59
N ILE B 347 -12.03 18.09 -21.39
CA ILE B 347 -12.80 16.86 -21.22
C ILE B 347 -14.14 16.96 -21.92
N ILE B 348 -14.86 18.07 -21.70
CA ILE B 348 -16.16 18.21 -22.33
C ILE B 348 -16.03 18.21 -23.84
N ALA B 349 -15.03 18.93 -24.37
CA ALA B 349 -14.89 19.06 -25.83
C ALA B 349 -14.68 17.69 -26.48
N SER B 350 -13.76 16.89 -25.94
CA SER B 350 -13.53 15.54 -26.46
C SER B 350 -14.78 14.68 -26.37
N ILE B 351 -15.56 14.84 -25.30
CA ILE B 351 -16.79 14.04 -25.20
C ILE B 351 -17.79 14.47 -26.26
N LEU B 352 -17.86 15.78 -26.57
CA LEU B 352 -18.86 16.27 -27.51
C LEU B 352 -18.51 16.04 -28.99
N VAL B 353 -17.26 15.76 -29.32
CA VAL B 353 -16.89 15.57 -30.73
C VAL B 353 -17.75 14.49 -31.38
N ASP B 354 -18.39 14.84 -32.47
CA ASP B 354 -19.13 13.86 -33.26
C ASP B 354 -18.66 13.92 -34.72
N ASP B 355 -19.23 14.85 -35.49
CA ASP B 355 -18.91 14.99 -36.90
C ASP B 355 -17.94 16.14 -37.19
N LYS B 356 -17.91 17.18 -36.35
CA LYS B 356 -17.04 18.33 -36.52
C LYS B 356 -16.18 18.54 -35.26
N PRO B 357 -15.05 19.26 -35.38
CA PRO B 357 -14.27 19.56 -34.17
C PRO B 357 -15.04 20.43 -33.21
N VAL B 358 -14.65 20.36 -31.94
CA VAL B 358 -15.31 21.08 -30.86
C VAL B 358 -14.24 21.87 -30.13
N ILE B 359 -14.53 23.14 -29.85
CA ILE B 359 -13.59 24.01 -29.15
C ILE B 359 -14.32 24.60 -27.95
N GLY B 360 -13.79 24.35 -26.76
CA GLY B 360 -14.27 24.99 -25.56
C GLY B 360 -13.31 26.09 -25.18
N TYR B 361 -13.84 27.13 -24.53
CA TYR B 361 -12.97 28.15 -23.99
C TYR B 361 -13.51 28.64 -22.65
N HIS B 362 -12.56 29.11 -21.83
CA HIS B 362 -12.85 29.74 -20.56
C HIS B 362 -12.19 31.10 -20.53
N ILE B 363 -12.88 32.08 -19.95
CA ILE B 363 -12.36 33.45 -19.79
C ILE B 363 -11.93 33.65 -18.33
N GLU B 364 -10.64 33.82 -18.09
CA GLU B 364 -10.16 34.04 -16.73
C GLU B 364 -9.88 35.51 -16.48
N GLY B 365 -8.71 36.01 -16.89
CA GLY B 365 -8.43 37.42 -16.69
C GLY B 365 -9.04 38.24 -17.81
N ASP B 366 -8.19 38.66 -18.74
CA ASP B 366 -8.65 39.11 -20.06
C ASP B 366 -8.12 38.17 -21.14
N ILE B 367 -7.92 36.90 -20.79
CA ILE B 367 -7.05 36.02 -21.56
C ILE B 367 -7.81 35.14 -22.56
N ALA B 368 -8.83 34.39 -22.10
CA ALA B 368 -9.54 33.40 -22.91
C ALA B 368 -8.63 32.26 -23.41
N LYS B 369 -8.82 31.08 -22.85
CA LYS B 369 -8.02 29.90 -23.16
C LYS B 369 -8.90 28.84 -23.80
N PHE B 370 -8.43 28.28 -24.91
CA PHE B 370 -9.20 27.39 -25.77
C PHE B 370 -8.65 25.98 -25.72
N SER B 371 -9.55 25.01 -25.83
CA SER B 371 -9.17 23.60 -25.94
C SER B 371 -9.96 22.97 -27.08
N ALA B 372 -9.24 22.54 -28.12
CA ALA B 372 -9.84 22.06 -29.34
C ALA B 372 -9.63 20.56 -29.48
N ARG B 373 -10.67 19.87 -29.94
CA ARG B 373 -10.66 18.42 -30.03
C ARG B 373 -11.31 18.01 -31.33
N GLY B 374 -10.73 16.97 -31.94
CA GLY B 374 -11.33 16.27 -33.06
C GLY B 374 -11.34 14.76 -32.84
N ASN B 375 -11.39 13.96 -33.90
CA ASN B 375 -11.27 12.51 -33.80
C ASN B 375 -10.50 11.99 -35.02
N ARG B 376 -10.38 10.67 -35.09
CA ARG B 376 -9.45 10.08 -36.05
C ARG B 376 -10.02 10.11 -37.47
N ASP B 377 -11.34 9.98 -37.60
CA ASP B 377 -11.95 10.10 -38.93
C ASP B 377 -11.84 11.53 -39.44
N LEU B 378 -11.90 12.51 -38.53
CA LEU B 378 -11.65 13.91 -38.87
C LEU B 378 -10.20 14.12 -39.32
N VAL B 379 -9.24 13.50 -38.63
CA VAL B 379 -7.85 13.62 -39.01
C VAL B 379 -7.59 12.96 -40.37
N ASN B 380 -8.20 11.80 -40.62
CA ASN B 380 -8.01 11.10 -41.89
C ASN B 380 -8.57 11.90 -43.06
N ARG B 381 -9.56 12.77 -42.81
CA ARG B 381 -10.07 13.67 -43.85
C ARG B 381 -9.26 14.95 -43.95
N GLY B 382 -8.18 15.07 -43.18
CA GLY B 382 -7.26 16.19 -43.31
C GLY B 382 -7.25 17.22 -42.19
N LEU B 383 -7.89 16.95 -41.05
CA LEU B 383 -7.90 17.91 -39.96
C LEU B 383 -6.53 17.97 -39.29
N ASN B 384 -6.05 19.19 -39.03
CA ASN B 384 -4.90 19.38 -38.16
C ASN B 384 -5.17 20.58 -37.26
N LEU B 385 -5.40 20.32 -35.98
CA LEU B 385 -5.76 21.38 -35.04
C LEU B 385 -4.55 22.24 -34.64
N SER B 386 -3.35 21.66 -34.61
CA SER B 386 -2.17 22.44 -34.21
C SER B 386 -1.98 23.65 -35.13
N VAL B 387 -2.14 23.46 -36.44
CA VAL B 387 -1.92 24.60 -37.33
C VAL B 387 -3.12 25.54 -37.32
N ALA B 388 -4.33 25.00 -37.07
CA ALA B 388 -5.51 25.87 -37.00
C ALA B 388 -5.50 26.71 -35.73
N MET B 389 -4.97 26.17 -34.62
CA MET B 389 -4.85 26.95 -33.40
C MET B 389 -3.62 27.85 -33.40
N ALA B 390 -2.62 27.54 -34.24
CA ALA B 390 -1.48 28.43 -34.39
C ALA B 390 -1.91 29.84 -34.76
N VAL B 391 -2.97 29.97 -35.56
CA VAL B 391 -3.49 31.26 -36.02
C VAL B 391 -3.74 32.24 -34.88
N ALA B 392 -3.69 31.73 -33.64
CA ALA B 392 -3.80 32.61 -32.48
C ALA B 392 -2.76 33.72 -32.51
N LYS B 393 -1.58 33.46 -33.11
CA LYS B 393 -0.48 34.44 -33.24
C LYS B 393 -0.80 35.56 -34.20
N GLU B 394 -1.97 35.56 -34.83
CA GLU B 394 -2.46 36.71 -35.58
C GLU B 394 -3.33 37.63 -34.75
N PHE B 395 -4.01 37.08 -33.74
CA PHE B 395 -4.81 37.86 -32.81
C PHE B 395 -4.07 38.10 -31.50
N GLY B 396 -2.75 38.24 -31.57
CA GLY B 396 -1.92 38.54 -30.42
C GLY B 396 -1.91 37.44 -29.37
N GLY B 397 -1.85 36.19 -29.79
CA GLY B 397 -1.82 35.09 -28.84
C GLY B 397 -0.92 33.95 -29.28
N ASN B 398 -1.11 32.77 -28.70
CA ASN B 398 -0.28 31.59 -28.93
C ASN B 398 -1.16 30.36 -29.03
N GLY B 399 -0.81 29.45 -29.93
CA GLY B 399 -1.58 28.23 -30.10
C GLY B 399 -0.91 27.10 -30.87
N GLY B 400 -1.26 25.86 -30.54
CA GLY B 400 -0.71 24.71 -31.22
C GLY B 400 -1.04 23.43 -30.46
N GLY B 401 -0.37 22.35 -30.85
CA GLY B 401 -0.62 21.04 -30.25
C GLY B 401 -0.55 19.89 -31.23
N HIS B 402 -1.53 18.99 -31.19
CA HIS B 402 -1.59 17.85 -32.10
C HIS B 402 -2.70 18.04 -33.12
N ASP B 403 -2.70 17.16 -34.12
CA ASP B 403 -3.72 17.24 -35.16
C ASP B 403 -5.12 17.03 -34.60
N VAL B 404 -5.23 16.21 -33.56
CA VAL B 404 -6.53 15.83 -32.99
C VAL B 404 -6.85 16.59 -31.71
N ALA B 405 -5.88 17.25 -31.10
CA ALA B 405 -6.08 17.95 -29.83
C ALA B 405 -5.07 19.09 -29.72
N SER B 406 -5.58 20.32 -29.53
CA SER B 406 -4.75 21.52 -29.44
C SER B 406 -5.34 22.50 -28.45
N GLY B 407 -4.54 23.50 -28.07
CA GLY B 407 -5.01 24.59 -27.24
C GLY B 407 -4.51 25.92 -27.76
N ALA B 408 -5.00 27.00 -27.16
CA ALA B 408 -4.62 28.34 -27.60
C ALA B 408 -5.02 29.37 -26.55
N VAL B 409 -4.43 30.56 -26.70
CA VAL B 409 -4.65 31.73 -25.84
C VAL B 409 -4.80 32.95 -26.74
N VAL B 410 -5.83 33.76 -26.49
CA VAL B 410 -6.13 34.92 -27.32
C VAL B 410 -6.97 35.92 -26.52
N SER B 411 -6.50 37.17 -26.42
CA SER B 411 -7.16 38.26 -25.70
C SER B 411 -8.68 38.20 -25.68
N LYS B 412 -9.28 38.50 -24.53
CA LYS B 412 -10.68 38.18 -24.28
C LYS B 412 -11.62 38.82 -25.30
N ASP B 413 -11.25 39.96 -25.88
CA ASP B 413 -12.12 40.66 -26.81
C ASP B 413 -12.00 40.18 -28.25
N LYS B 414 -11.06 39.28 -28.56
CA LYS B 414 -10.88 38.76 -29.91
C LYS B 414 -11.48 37.37 -30.09
N VAL B 415 -12.34 36.93 -29.17
CA VAL B 415 -12.83 35.56 -29.18
C VAL B 415 -13.59 35.27 -30.47
N GLN B 416 -14.57 36.12 -30.82
CA GLN B 416 -15.37 35.86 -32.01
C GLN B 416 -14.52 35.89 -33.27
N GLU B 417 -13.61 36.85 -33.36
CA GLU B 417 -12.75 36.99 -34.53
C GLU B 417 -11.78 35.80 -34.64
N PHE B 418 -11.31 35.26 -33.51
CA PHE B 418 -10.40 34.12 -33.57
C PHE B 418 -11.12 32.84 -34.00
N LEU B 419 -12.37 32.66 -33.54
CA LEU B 419 -13.10 31.45 -33.92
C LEU B 419 -13.52 31.48 -35.38
N LYS B 420 -13.90 32.65 -35.90
CA LYS B 420 -14.19 32.80 -37.32
C LYS B 420 -12.97 32.40 -38.16
N ARG B 421 -11.80 32.87 -37.74
CA ARG B 421 -10.56 32.52 -38.41
C ARG B 421 -10.31 31.01 -38.36
N VAL B 422 -10.40 30.43 -37.16
CA VAL B 422 -10.19 28.98 -37.02
C VAL B 422 -11.21 28.21 -37.84
N ASP B 423 -12.47 28.67 -37.85
CA ASP B 423 -13.51 27.99 -38.62
C ASP B 423 -13.16 27.93 -40.09
N GLU B 424 -12.55 28.99 -40.63
CA GLU B 424 -12.23 29.03 -42.05
C GLU B 424 -11.04 28.11 -42.39
N ILE B 425 -9.97 28.17 -41.59
CA ILE B 425 -8.83 27.26 -41.79
C ILE B 425 -9.33 25.82 -41.86
N ILE B 426 -10.14 25.43 -40.88
CA ILE B 426 -10.59 24.04 -40.78
C ILE B 426 -11.43 23.66 -41.99
N GLY B 427 -12.33 24.54 -42.42
CA GLY B 427 -13.13 24.27 -43.61
C GLY B 427 -12.31 24.03 -44.84
N GLU B 428 -11.15 24.68 -44.94
CA GLU B 428 -10.26 24.41 -46.07
C GLU B 428 -9.44 23.15 -45.87
N GLN B 429 -9.12 22.79 -44.62
CA GLN B 429 -8.44 21.52 -44.39
C GLN B 429 -9.27 20.33 -44.85
N LEU B 430 -10.60 20.44 -44.80
CA LEU B 430 -11.47 19.30 -45.02
C LEU B 430 -12.11 19.26 -46.40
N ARG B 431 -11.58 19.97 -47.39
CA ARG B 431 -12.19 19.97 -48.72
C ARG B 431 -11.59 18.86 -49.60
C13 IY0 C . 10.37 -3.10 23.54
C1 IY0 C . 13.84 -0.05 25.87
C2 IY0 C . 12.45 0.08 26.13
C3 IY0 C . 11.54 -0.85 25.68
C5 IY0 C . 13.44 -1.91 24.84
C9 IY0 C . 11.29 -2.91 24.52
C11 IY0 C . 10.93 -4.98 24.48
C12 IY0 C . 10.11 -4.43 23.54
C16 IY0 C . 11.24 -6.32 24.84
N4 IY0 C . 12.03 -1.89 25.00
N6 IY0 C . 14.34 -1.01 25.25
N7 IY0 C . 14.81 0.82 26.27
O8 IY0 C . 13.97 -2.86 24.23
O10 IY0 C . 11.60 -4.04 24.98
O14 IY0 C . 9.77 -2.18 22.83
O15 IY0 C . 9.23 -5.00 22.79
O17 IY0 C . 12.55 -6.37 24.59
O19 IY0 C . 12.80 -7.19 22.09
O20 IY0 C . 14.55 -7.60 23.76
O21 IY0 C . 14.21 -5.34 22.93
P18 IY0 C . 13.65 -6.65 23.15
C13 IY0 D . -0.12 19.89 -25.81
C1 IY0 D . 1.84 24.29 -28.31
C2 IY0 D . 2.29 22.93 -28.40
C3 IY0 D . 1.53 21.90 -27.80
C5 IY0 D . -0.02 23.55 -27.07
C9 IY0 D . -0.45 21.07 -26.50
C11 IY0 D . -2.38 20.07 -25.98
C12 IY0 D . -1.38 19.26 -25.48
C16 IY0 D . -3.98 19.99 -25.94
N4 IY0 D . 0.35 22.16 -27.12
N6 IY0 D . 0.70 24.63 -27.65
N7 IY0 D . 2.57 25.38 -28.89
O8 IY0 D . -1.08 23.85 -26.48
O10 IY0 D . -1.79 21.13 -26.57
O14 IY0 D . 1.14 19.45 -25.53
O15 IY0 D . -1.54 18.10 -24.82
O17 IY0 D . -4.44 21.17 -25.51
O19 IY0 D . -6.60 21.64 -24.27
O20 IY0 D . -4.86 20.14 -23.11
O21 IY0 D . -4.45 22.67 -23.36
P18 IY0 D . -5.17 21.43 -23.84
#